data_1EF1
#
_entry.id   1EF1
#
_cell.length_a   54.200
_cell.length_b   153.300
_cell.length_c   112.100
_cell.angle_alpha   90.00
_cell.angle_beta   90.00
_cell.angle_gamma   90.00
#
_symmetry.space_group_name_H-M   'P 2 2 21'
#
loop_
_entity.id
_entity.type
_entity.pdbx_description
1 polymer MOESIN
2 polymer MOESIN
3 non-polymer 'SULFATE ION'
4 water water
#
loop_
_entity_poly.entity_id
_entity_poly.type
_entity_poly.pdbx_seq_one_letter_code
_entity_poly.pdbx_strand_id
1 'polypeptide(L)'
;TISVRVTT(MSE)DAELEFAIQPNTTGKQLFDQVVKTIGLREVWFFGLQYQDTKGFSTWLKLNKKVTAQDVRKESPLLFK
FRAKFYPEDVSEELIQDITQRLFFLQVKEGILNDDIYCPPETAVLLASYAVQSKYGDFNKEVHKSGYLAGDKLLPQRVLE
QHKLNKDQWEERIQVWHEEHRG(MSE)LREDAVLEYLKIAQDLE(MSE)YGVNYFSIKNKKGSELWLGVDALGLNIYEQN
DRLTPKIGFPWSEIRNISFNDKKFVIKPIDKKAPDFVFYAPRLRINKRILALC(MSE)GNHELY(MSE)RRRKP
;
A,B
2 'polypeptide(L)'
;AEASADLRADAMAKDRSEEERTTEAEKNERVQKHLKALTSELANARDESKKTAND(MSE)IHAEN(MSE)RLGRDKYKTL
RQIRQGNTKQRIDEFES(MSE)
;
C,D
#
loop_
_chem_comp.id
_chem_comp.type
_chem_comp.name
_chem_comp.formula
SO4 non-polymer 'SULFATE ION' 'O4 S -2'
#
# COMPACT_ATOMS: atom_id res chain seq x y z
N THR A 1 13.82 -33.83 -28.63
CA THR A 1 13.64 -32.36 -28.49
C THR A 1 12.49 -31.88 -27.57
N ILE A 2 12.72 -30.71 -27.00
CA ILE A 2 11.80 -30.06 -26.07
C ILE A 2 11.03 -28.92 -26.79
N SER A 3 9.71 -29.04 -26.72
CA SER A 3 8.82 -28.09 -27.35
C SER A 3 8.84 -26.79 -26.57
N VAL A 4 8.93 -25.68 -27.29
CA VAL A 4 8.96 -24.35 -26.66
C VAL A 4 8.17 -23.28 -27.41
N ARG A 5 7.45 -22.48 -26.65
CA ARG A 5 6.68 -21.40 -27.21
C ARG A 5 7.10 -20.11 -26.52
N VAL A 6 7.51 -19.14 -27.33
CA VAL A 6 7.93 -17.83 -26.84
C VAL A 6 7.06 -16.70 -27.41
N THR A 7 6.30 -16.08 -26.52
CA THR A 7 5.43 -14.97 -26.85
C THR A 7 5.97 -13.60 -26.52
N THR A 8 6.07 -12.75 -27.55
CA THR A 8 6.49 -11.34 -27.46
C THR A 8 5.18 -10.54 -27.29
N MSE A 9 5.23 -9.23 -27.22
CA MSE A 9 4.00 -8.46 -27.08
C MSE A 9 3.08 -8.54 -28.31
O MSE A 9 1.92 -8.17 -28.23
CB MSE A 9 4.31 -6.98 -26.80
CG MSE A 9 4.88 -6.67 -25.43
SE MSE A 9 3.71 -7.25 -23.98
CE MSE A 9 2.09 -6.24 -24.49
N ASP A 10 3.59 -8.97 -29.45
CA ASP A 10 2.72 -9.05 -30.62
C ASP A 10 3.08 -10.19 -31.56
N ALA A 11 3.67 -11.24 -31.04
CA ALA A 11 4.04 -12.34 -31.91
C ALA A 11 4.28 -13.59 -31.08
N GLU A 12 4.10 -14.74 -31.70
CA GLU A 12 4.28 -16.03 -31.07
C GLU A 12 5.28 -16.82 -31.88
N LEU A 13 6.23 -17.42 -31.18
CA LEU A 13 7.27 -18.22 -31.81
C LEU A 13 7.32 -19.60 -31.22
N GLU A 14 7.45 -20.59 -32.10
CA GLU A 14 7.52 -21.98 -31.66
C GLU A 14 8.94 -22.48 -31.98
N PHE A 15 9.60 -23.04 -30.97
CA PHE A 15 10.96 -23.59 -31.10
C PHE A 15 11.11 -24.98 -30.49
N ALA A 16 11.87 -25.84 -31.16
CA ALA A 16 12.15 -27.18 -30.62
C ALA A 16 13.64 -27.09 -30.23
N ILE A 17 13.91 -27.35 -28.95
CA ILE A 17 15.25 -27.27 -28.42
C ILE A 17 15.79 -28.58 -27.78
N GLN A 18 17.09 -28.83 -27.95
CA GLN A 18 17.73 -30.02 -27.38
C GLN A 18 17.84 -29.82 -25.85
N PRO A 19 17.91 -30.92 -25.07
CA PRO A 19 18.01 -30.81 -23.61
C PRO A 19 19.22 -29.99 -23.14
N ASN A 20 20.22 -29.96 -24.01
CA ASN A 20 21.48 -29.29 -23.80
C ASN A 20 21.37 -27.74 -23.84
N THR A 21 20.26 -27.24 -24.40
CA THR A 21 20.04 -25.80 -24.59
C THR A 21 20.04 -25.00 -23.30
N THR A 22 20.79 -23.90 -23.33
CA THR A 22 20.94 -22.96 -22.21
C THR A 22 20.07 -21.75 -22.50
N GLY A 23 19.68 -21.01 -21.46
CA GLY A 23 18.85 -19.84 -21.66
C GLY A 23 19.37 -18.92 -22.76
N LYS A 24 20.67 -18.69 -22.76
CA LYS A 24 21.34 -17.83 -23.74
C LYS A 24 21.12 -18.26 -25.19
N GLN A 25 21.10 -19.56 -25.42
CA GLN A 25 20.90 -20.09 -26.76
C GLN A 25 19.45 -19.89 -27.21
N LEU A 26 18.52 -20.07 -26.27
CA LEU A 26 17.10 -19.88 -26.54
C LEU A 26 16.82 -18.40 -26.84
N PHE A 27 17.40 -17.51 -26.02
CA PHE A 27 17.24 -16.06 -26.19
C PHE A 27 17.73 -15.60 -27.57
N ASP A 28 18.90 -16.09 -27.94
CA ASP A 28 19.50 -15.78 -29.23
C ASP A 28 18.62 -16.17 -30.41
N GLN A 29 17.94 -17.31 -30.32
CA GLN A 29 17.04 -17.75 -31.39
C GLN A 29 15.90 -16.79 -31.52
N VAL A 30 15.32 -16.40 -30.39
CA VAL A 30 14.20 -15.45 -30.37
C VAL A 30 14.57 -14.05 -30.93
N VAL A 31 15.65 -13.45 -30.42
CA VAL A 31 16.02 -12.13 -30.94
C VAL A 31 16.41 -12.20 -32.41
N LYS A 32 17.03 -13.33 -32.78
CA LYS A 32 17.46 -13.60 -34.15
C LYS A 32 16.24 -13.64 -35.05
N THR A 33 15.27 -14.47 -34.65
CA THR A 33 14.03 -14.64 -35.39
C THR A 33 13.26 -13.33 -35.56
N ILE A 34 13.06 -12.55 -34.49
CA ILE A 34 12.28 -11.32 -34.61
C ILE A 34 13.06 -10.10 -35.17
N GLY A 35 14.35 -10.28 -35.42
CA GLY A 35 15.18 -9.23 -35.99
C GLY A 35 15.51 -8.11 -35.03
N LEU A 36 15.72 -8.49 -33.78
CA LEU A 36 16.03 -7.54 -32.72
C LEU A 36 17.51 -7.56 -32.35
N ARG A 37 18.16 -6.39 -32.46
CA ARG A 37 19.58 -6.18 -32.12
C ARG A 37 19.78 -5.47 -30.77
N GLU A 38 18.81 -4.67 -30.30
CA GLU A 38 18.95 -4.00 -28.97
C GLU A 38 18.46 -4.94 -27.85
N VAL A 39 19.16 -6.06 -27.72
CA VAL A 39 18.82 -7.12 -26.80
C VAL A 39 19.04 -6.93 -25.30
N TRP A 40 19.90 -5.99 -24.93
CA TRP A 40 20.25 -5.77 -23.52
C TRP A 40 19.10 -5.35 -22.58
N PHE A 41 18.01 -4.89 -23.18
CA PHE A 41 16.84 -4.49 -22.42
C PHE A 41 15.97 -5.67 -22.10
N PHE A 42 16.04 -6.70 -22.96
CA PHE A 42 15.17 -7.87 -22.84
C PHE A 42 15.56 -9.14 -22.08
N GLY A 43 14.54 -9.93 -21.80
CA GLY A 43 14.69 -11.19 -21.10
C GLY A 43 13.53 -12.13 -21.39
N LEU A 44 13.69 -13.40 -21.01
CA LEU A 44 12.61 -14.37 -21.13
C LEU A 44 12.08 -14.71 -19.74
N GLN A 45 10.78 -14.55 -19.55
CA GLN A 45 10.16 -14.85 -18.27
C GLN A 45 9.34 -16.11 -18.39
N TYR A 46 9.27 -16.87 -17.30
CA TYR A 46 8.45 -18.09 -17.27
C TYR A 46 7.85 -18.28 -15.89
N GLN A 47 6.80 -19.10 -15.80
CA GLN A 47 6.19 -19.43 -14.52
C GLN A 47 6.98 -20.64 -13.98
N ASP A 48 7.50 -20.56 -12.76
CA ASP A 48 8.20 -21.72 -12.26
C ASP A 48 7.26 -22.74 -11.58
N THR A 49 7.82 -23.89 -11.21
CA THR A 49 7.11 -25.01 -10.56
C THR A 49 6.26 -24.53 -9.38
N LYS A 50 6.71 -23.50 -8.68
CA LYS A 50 5.99 -22.95 -7.54
C LYS A 50 4.90 -21.99 -8.00
N GLY A 51 5.01 -21.52 -9.24
CA GLY A 51 4.02 -20.60 -9.81
C GLY A 51 4.50 -19.14 -9.87
N PHE A 52 5.81 -18.92 -9.64
CA PHE A 52 6.41 -17.58 -9.67
C PHE A 52 6.96 -17.13 -11.03
N SER A 53 6.71 -15.85 -11.38
CA SER A 53 7.24 -15.29 -12.61
C SER A 53 8.73 -15.20 -12.33
N THR A 54 9.53 -15.78 -13.22
CA THR A 54 10.97 -15.82 -13.07
C THR A 54 11.72 -15.55 -14.38
N TRP A 55 12.81 -14.79 -14.29
CA TRP A 55 13.61 -14.56 -15.48
C TRP A 55 14.58 -15.76 -15.65
N LEU A 56 14.53 -16.35 -16.83
CA LEU A 56 15.37 -17.46 -17.21
C LEU A 56 16.85 -16.98 -17.20
N LYS A 57 17.69 -17.65 -16.40
CA LYS A 57 19.13 -17.33 -16.32
C LYS A 57 19.71 -17.75 -17.65
N LEU A 58 20.54 -16.90 -18.26
CA LEU A 58 21.10 -17.24 -19.57
C LEU A 58 22.33 -18.17 -19.59
N ASN A 59 23.03 -18.22 -18.47
CA ASN A 59 24.24 -19.05 -18.32
C ASN A 59 24.01 -20.51 -17.90
N LYS A 60 22.75 -20.87 -17.63
CA LYS A 60 22.35 -22.22 -17.22
C LYS A 60 21.51 -22.89 -18.32
N LYS A 61 21.36 -24.22 -18.25
CA LYS A 61 20.53 -24.95 -19.20
C LYS A 61 19.02 -24.69 -18.91
N VAL A 62 18.19 -24.58 -19.94
CA VAL A 62 16.75 -24.33 -19.73
C VAL A 62 16.15 -25.38 -18.79
N THR A 63 16.43 -26.65 -19.11
CA THR A 63 15.94 -27.82 -18.38
C THR A 63 16.39 -27.90 -16.90
N ALA A 64 17.52 -27.25 -16.59
CA ALA A 64 18.05 -27.22 -15.22
C ALA A 64 17.39 -26.14 -14.34
N GLN A 65 16.50 -25.35 -14.93
CA GLN A 65 15.82 -24.28 -14.20
C GLN A 65 14.44 -24.80 -13.88
N ASP A 66 13.83 -24.29 -12.82
CA ASP A 66 12.52 -24.83 -12.40
C ASP A 66 11.36 -24.49 -13.30
N VAL A 67 11.52 -24.73 -14.60
CA VAL A 67 10.44 -24.47 -15.55
C VAL A 67 9.29 -25.41 -15.25
N ARG A 68 8.07 -24.86 -15.33
CA ARG A 68 6.82 -25.61 -15.11
C ARG A 68 6.75 -26.74 -16.15
N LYS A 69 7.16 -27.93 -15.74
CA LYS A 69 7.16 -29.10 -16.59
C LYS A 69 5.82 -29.24 -17.25
N GLU A 70 5.83 -28.98 -18.56
CA GLU A 70 4.64 -29.05 -19.43
C GLU A 70 5.17 -28.95 -20.85
N SER A 71 4.27 -28.98 -21.83
CA SER A 71 4.69 -28.91 -23.21
C SER A 71 3.64 -28.30 -24.13
N PRO A 72 4.04 -27.27 -24.90
CA PRO A 72 5.41 -26.75 -24.88
C PRO A 72 5.72 -25.93 -23.62
N LEU A 73 7.00 -25.62 -23.43
CA LEU A 73 7.42 -24.79 -22.30
C LEU A 73 7.00 -23.40 -22.74
N LEU A 74 6.33 -22.66 -21.86
CA LEU A 74 5.87 -21.32 -22.20
C LEU A 74 6.71 -20.18 -21.64
N PHE A 75 7.27 -19.35 -22.52
CA PHE A 75 8.06 -18.19 -22.09
C PHE A 75 7.54 -16.88 -22.64
N LYS A 76 7.66 -15.80 -21.88
CA LYS A 76 7.22 -14.49 -22.33
C LYS A 76 8.47 -13.61 -22.55
N PHE A 77 8.63 -13.08 -23.75
CA PHE A 77 9.76 -12.21 -24.07
C PHE A 77 9.34 -10.81 -23.69
N ARG A 78 10.02 -10.24 -22.68
CA ARG A 78 9.67 -8.89 -22.21
C ARG A 78 10.88 -8.07 -21.90
N ALA A 79 10.72 -6.75 -21.82
CA ALA A 79 11.82 -5.86 -21.43
C ALA A 79 11.96 -5.98 -19.94
N LYS A 80 13.18 -6.25 -19.51
CA LYS A 80 13.52 -6.34 -18.08
C LYS A 80 14.12 -5.01 -17.64
N PHE A 81 14.72 -4.29 -18.59
CA PHE A 81 15.34 -2.99 -18.34
C PHE A 81 14.75 -1.99 -19.32
N TYR A 82 14.67 -0.75 -18.86
CA TYR A 82 14.15 0.36 -19.63
C TYR A 82 15.23 1.38 -19.89
N PRO A 83 15.19 2.00 -21.06
CA PRO A 83 16.18 3.03 -21.39
C PRO A 83 15.89 4.28 -20.56
N GLU A 84 16.88 5.16 -20.40
CA GLU A 84 16.62 6.39 -19.66
C GLU A 84 15.85 7.38 -20.51
N ASP A 85 16.05 7.28 -21.82
CA ASP A 85 15.40 8.16 -22.77
C ASP A 85 15.12 7.32 -24.02
N VAL A 86 13.85 7.27 -24.42
CA VAL A 86 13.46 6.47 -25.58
C VAL A 86 13.93 7.00 -26.90
N SER A 87 13.92 8.32 -27.07
CA SER A 87 14.32 8.92 -28.35
C SER A 87 15.82 8.78 -28.64
N GLU A 88 16.63 8.50 -27.61
CA GLU A 88 18.03 8.26 -27.87
C GLU A 88 18.47 6.81 -27.78
N GLU A 89 17.65 5.96 -27.18
CA GLU A 89 18.08 4.60 -27.01
C GLU A 89 17.33 3.49 -27.72
N LEU A 90 16.17 3.80 -28.26
CA LEU A 90 15.43 2.78 -28.94
C LEU A 90 15.54 3.16 -30.41
N ILE A 91 16.53 2.57 -31.08
CA ILE A 91 16.78 2.85 -32.48
C ILE A 91 15.95 2.05 -33.48
N GLN A 92 15.67 0.78 -33.21
CA GLN A 92 14.90 -0.03 -34.15
C GLN A 92 13.40 0.11 -33.99
N ASP A 93 12.68 -0.28 -35.05
CA ASP A 93 11.22 -0.30 -35.13
C ASP A 93 10.65 -1.40 -34.26
N ILE A 94 11.24 -2.58 -34.31
CA ILE A 94 10.79 -3.68 -33.48
C ILE A 94 11.00 -3.37 -31.96
N THR A 95 12.08 -2.67 -31.62
CA THR A 95 12.38 -2.34 -30.22
C THR A 95 11.37 -1.33 -29.65
N GLN A 96 11.03 -0.33 -30.46
CA GLN A 96 10.09 0.69 -30.05
C GLN A 96 8.72 0.10 -29.90
N ARG A 97 8.33 -0.72 -30.86
CA ARG A 97 7.04 -1.36 -30.84
C ARG A 97 6.89 -2.22 -29.57
N LEU A 98 7.91 -3.04 -29.29
CA LEU A 98 7.89 -3.93 -28.12
C LEU A 98 7.76 -3.19 -26.81
N PHE A 99 8.56 -2.14 -26.64
CA PHE A 99 8.48 -1.28 -25.45
C PHE A 99 7.10 -0.58 -25.34
N PHE A 100 6.60 -0.10 -26.48
CA PHE A 100 5.33 0.58 -26.56
C PHE A 100 4.20 -0.35 -26.15
N LEU A 101 4.18 -1.57 -26.68
CA LEU A 101 3.10 -2.48 -26.35
C LEU A 101 3.16 -2.87 -24.87
N GLN A 102 4.36 -3.06 -24.34
CA GLN A 102 4.51 -3.43 -22.94
C GLN A 102 4.14 -2.30 -22.01
N VAL A 103 4.55 -1.08 -22.37
CA VAL A 103 4.26 0.09 -21.53
C VAL A 103 2.75 0.38 -21.57
N LYS A 104 2.18 0.31 -22.79
CA LYS A 104 0.74 0.55 -22.99
C LYS A 104 -0.09 -0.44 -22.13
N GLU A 105 0.37 -1.69 -22.07
CA GLU A 105 -0.28 -2.72 -21.31
C GLU A 105 -0.30 -2.35 -19.82
N GLY A 106 0.82 -1.85 -19.31
CA GLY A 106 0.89 -1.44 -17.91
C GLY A 106 -0.02 -0.23 -17.64
N ILE A 107 -0.09 0.70 -18.60
CA ILE A 107 -0.94 1.86 -18.44
C ILE A 107 -2.39 1.45 -18.42
N LEU A 108 -2.76 0.60 -19.36
CA LEU A 108 -4.13 0.13 -19.50
C LEU A 108 -4.60 -0.69 -18.32
N ASN A 109 -3.69 -1.43 -17.70
CA ASN A 109 -4.03 -2.26 -16.54
C ASN A 109 -3.83 -1.56 -15.18
N ASP A 110 -3.43 -0.30 -15.24
CA ASP A 110 -3.21 0.50 -14.04
C ASP A 110 -2.00 0.10 -13.15
N ASP A 111 -1.03 -0.56 -13.76
CA ASP A 111 0.21 -0.91 -13.07
C ASP A 111 1.01 0.40 -12.94
N ILE A 112 0.85 1.25 -13.95
CA ILE A 112 1.52 2.54 -13.99
C ILE A 112 0.45 3.62 -13.94
N TYR A 113 0.33 4.31 -12.82
CA TYR A 113 -0.68 5.36 -12.74
C TYR A 113 -0.53 6.39 -13.85
N CYS A 114 -1.63 6.78 -14.46
CA CYS A 114 -1.57 7.77 -15.49
C CYS A 114 -2.79 8.65 -15.31
N PRO A 115 -2.60 9.96 -15.20
CA PRO A 115 -3.79 10.83 -15.02
C PRO A 115 -4.71 10.72 -16.26
N PRO A 116 -5.98 11.14 -16.11
CA PRO A 116 -6.97 11.09 -17.21
C PRO A 116 -6.63 11.86 -18.51
N GLU A 117 -6.18 13.10 -18.40
CA GLU A 117 -5.86 13.86 -19.60
C GLU A 117 -4.76 13.17 -20.43
N THR A 118 -3.70 12.79 -19.75
CA THR A 118 -2.60 12.04 -20.35
C THR A 118 -3.07 10.68 -20.88
N ALA A 119 -3.95 10.00 -20.13
CA ALA A 119 -4.44 8.69 -20.61
C ALA A 119 -5.18 8.84 -21.95
N VAL A 120 -5.94 9.93 -22.10
CA VAL A 120 -6.67 10.17 -23.35
C VAL A 120 -5.72 10.55 -24.47
N LEU A 121 -4.70 11.36 -24.15
CA LEU A 121 -3.76 11.74 -25.18
C LEU A 121 -2.97 10.49 -25.58
N LEU A 122 -2.64 9.65 -24.62
CA LEU A 122 -1.93 8.42 -24.99
C LEU A 122 -2.80 7.53 -25.88
N ALA A 123 -4.08 7.37 -25.52
CA ALA A 123 -5.02 6.55 -26.31
C ALA A 123 -5.07 7.02 -27.77
N SER A 124 -5.12 8.33 -27.97
CA SER A 124 -5.17 8.90 -29.31
C SER A 124 -3.91 8.59 -30.12
N TYR A 125 -2.74 8.56 -29.47
CA TYR A 125 -1.51 8.23 -30.21
C TYR A 125 -1.57 6.73 -30.55
N ALA A 126 -2.00 5.90 -29.58
CA ALA A 126 -2.12 4.47 -29.78
C ALA A 126 -3.08 4.16 -30.97
N VAL A 127 -4.13 4.97 -31.11
CA VAL A 127 -5.07 4.85 -32.21
C VAL A 127 -4.37 5.20 -33.53
N GLN A 128 -3.68 6.33 -33.60
CA GLN A 128 -2.98 6.74 -34.82
C GLN A 128 -1.98 5.65 -35.23
N SER A 129 -1.35 5.04 -34.23
CA SER A 129 -0.40 3.99 -34.52
C SER A 129 -1.08 2.73 -35.10
N LYS A 130 -2.21 2.35 -34.54
CA LYS A 130 -2.92 1.20 -35.00
C LYS A 130 -3.66 1.41 -36.33
N TYR A 131 -4.35 2.52 -36.47
CA TYR A 131 -5.13 2.81 -37.65
C TYR A 131 -4.54 3.72 -38.71
N GLY A 132 -3.47 4.44 -38.42
CA GLY A 132 -2.91 5.36 -39.40
C GLY A 132 -3.89 6.52 -39.39
N ASP A 133 -3.83 7.38 -40.41
CA ASP A 133 -4.73 8.56 -40.53
C ASP A 133 -6.21 8.24 -40.47
N PHE A 134 -6.93 9.06 -39.71
CA PHE A 134 -8.36 8.87 -39.62
C PHE A 134 -8.91 8.97 -41.06
N ASN A 135 -9.80 8.08 -41.45
CA ASN A 135 -10.38 8.09 -42.77
C ASN A 135 -11.88 7.84 -42.57
N LYS A 136 -12.69 8.88 -42.85
CA LYS A 136 -14.14 8.89 -42.71
C LYS A 136 -14.86 7.72 -43.40
N GLU A 137 -14.20 7.15 -44.41
CA GLU A 137 -14.69 6.01 -45.20
C GLU A 137 -14.53 4.64 -44.58
N VAL A 138 -13.42 4.47 -43.88
CA VAL A 138 -13.09 3.20 -43.24
C VAL A 138 -13.46 3.21 -41.76
N HIS A 139 -13.13 4.33 -41.12
CA HIS A 139 -13.35 4.47 -39.70
C HIS A 139 -14.68 5.06 -39.34
N LYS A 140 -15.70 4.21 -39.52
CA LYS A 140 -17.09 4.56 -39.26
C LYS A 140 -17.39 4.40 -37.79
N SER A 141 -18.59 4.80 -37.41
CA SER A 141 -19.02 4.68 -36.03
C SER A 141 -18.74 3.26 -35.53
N GLY A 142 -18.05 3.17 -34.41
CA GLY A 142 -17.71 1.88 -33.85
C GLY A 142 -16.37 1.29 -34.21
N TYR A 143 -15.55 2.00 -34.97
CA TYR A 143 -14.23 1.48 -35.34
C TYR A 143 -13.30 1.24 -34.11
N LEU A 144 -13.57 1.90 -32.99
CA LEU A 144 -12.76 1.71 -31.78
C LEU A 144 -13.49 0.83 -30.74
N ALA A 145 -14.54 0.12 -31.14
CA ALA A 145 -15.31 -0.66 -30.21
C ALA A 145 -14.63 -1.86 -29.57
N GLY A 146 -13.68 -2.46 -30.28
CA GLY A 146 -12.94 -3.59 -29.72
C GLY A 146 -11.60 -3.24 -29.05
N ASP A 147 -11.24 -1.96 -29.05
CA ASP A 147 -9.96 -1.50 -28.46
C ASP A 147 -10.04 -1.18 -26.97
N LYS A 148 -8.95 -1.47 -26.24
CA LYS A 148 -8.82 -1.14 -24.82
C LYS A 148 -8.05 0.21 -24.90
N LEU A 149 -8.82 1.29 -24.84
CA LEU A 149 -8.25 2.60 -24.98
C LEU A 149 -7.85 3.27 -23.68
N LEU A 150 -8.51 2.93 -22.58
CA LEU A 150 -8.31 3.57 -21.31
C LEU A 150 -8.33 2.68 -20.10
N PRO A 151 -7.62 3.09 -19.03
CA PRO A 151 -7.63 2.28 -17.82
C PRO A 151 -9.08 2.34 -17.30
N GLN A 152 -9.54 1.26 -16.68
CA GLN A 152 -10.84 1.20 -16.05
C GLN A 152 -11.13 2.39 -15.12
N ARG A 153 -10.14 2.78 -14.31
CA ARG A 153 -10.24 3.91 -13.39
C ARG A 153 -10.72 5.18 -14.08
N VAL A 154 -10.16 5.51 -15.26
CA VAL A 154 -10.57 6.69 -16.05
C VAL A 154 -12.04 6.59 -16.55
N LEU A 155 -12.42 5.39 -16.96
CA LEU A 155 -13.78 5.10 -17.43
C LEU A 155 -14.77 5.31 -16.28
N GLU A 156 -14.40 4.87 -15.07
CA GLU A 156 -15.28 4.98 -13.90
C GLU A 156 -15.46 6.39 -13.36
N GLN A 157 -14.49 7.25 -13.62
CA GLN A 157 -14.56 8.62 -13.14
C GLN A 157 -15.27 9.60 -14.05
N HIS A 158 -15.52 9.24 -15.30
CA HIS A 158 -16.18 10.19 -16.17
C HIS A 158 -17.54 9.69 -16.57
N LYS A 159 -18.52 10.60 -16.61
CA LYS A 159 -19.89 10.22 -16.92
C LYS A 159 -20.09 10.16 -18.45
N LEU A 160 -19.40 9.20 -19.06
CA LEU A 160 -19.42 8.99 -20.48
C LEU A 160 -19.59 7.52 -20.79
N ASN A 161 -20.38 7.23 -21.82
CA ASN A 161 -20.56 5.86 -22.24
C ASN A 161 -19.51 5.54 -23.27
N LYS A 162 -19.55 4.29 -23.69
CA LYS A 162 -18.62 3.78 -24.68
C LYS A 162 -18.60 4.63 -25.93
N ASP A 163 -19.78 5.05 -26.40
CA ASP A 163 -19.87 5.82 -27.64
C ASP A 163 -19.35 7.22 -27.52
N GLN A 164 -19.60 7.85 -26.39
CA GLN A 164 -19.12 9.20 -26.13
C GLN A 164 -17.61 9.18 -26.06
N TRP A 165 -17.06 8.14 -25.41
CA TRP A 165 -15.63 7.98 -25.30
C TRP A 165 -15.00 7.88 -26.70
N GLU A 166 -15.55 7.00 -27.54
CA GLU A 166 -15.09 6.76 -28.93
C GLU A 166 -15.25 7.95 -29.87
N GLU A 167 -16.11 8.89 -29.51
CA GLU A 167 -16.32 10.10 -30.30
C GLU A 167 -15.29 11.13 -29.87
N ARG A 168 -14.99 11.15 -28.58
CA ARG A 168 -14.00 12.11 -28.07
C ARG A 168 -12.61 11.70 -28.51
N ILE A 169 -12.37 10.39 -28.55
CA ILE A 169 -11.08 9.86 -28.95
C ILE A 169 -10.89 10.06 -30.43
N GLN A 170 -11.98 9.93 -31.21
CA GLN A 170 -11.92 10.14 -32.68
C GLN A 170 -11.45 11.55 -33.01
N VAL A 171 -11.94 12.52 -32.27
CA VAL A 171 -11.53 13.89 -32.50
C VAL A 171 -10.02 14.01 -32.38
N TRP A 172 -9.49 13.32 -31.39
CA TRP A 172 -8.06 13.35 -31.10
C TRP A 172 -7.28 12.54 -32.11
N HIS A 173 -7.85 11.43 -32.56
CA HIS A 173 -7.21 10.59 -33.59
C HIS A 173 -7.01 11.51 -34.82
N GLU A 174 -8.12 12.15 -35.19
CA GLU A 174 -8.19 13.05 -36.31
C GLU A 174 -7.11 14.12 -36.20
N GLU A 175 -6.84 14.57 -34.98
CA GLU A 175 -5.85 15.61 -34.73
C GLU A 175 -4.43 15.25 -35.13
N HIS A 176 -4.09 13.97 -35.06
CA HIS A 176 -2.73 13.57 -35.39
C HIS A 176 -2.56 13.24 -36.85
N ARG A 177 -3.50 13.72 -37.68
CA ARG A 177 -3.48 13.48 -39.12
C ARG A 177 -2.11 13.77 -39.71
N GLY A 178 -1.59 12.82 -40.48
CA GLY A 178 -0.29 12.99 -41.11
C GLY A 178 0.87 12.37 -40.36
N MSE A 179 0.68 12.11 -39.07
CA MSE A 179 1.74 11.54 -38.25
C MSE A 179 1.96 10.05 -38.59
O MSE A 179 1.03 9.23 -38.56
CB MSE A 179 1.37 11.74 -36.78
CG MSE A 179 2.35 11.21 -35.77
SE MSE A 179 1.55 11.36 -34.08
CE MSE A 179 3.06 12.31 -33.15
N LEU A 180 3.18 9.68 -38.93
CA LEU A 180 3.47 8.29 -39.23
C LEU A 180 3.20 7.39 -38.02
N ARG A 181 2.91 6.12 -38.27
CA ARG A 181 2.67 5.18 -37.19
C ARG A 181 3.82 5.07 -36.16
N GLU A 182 5.06 5.00 -36.66
CA GLU A 182 6.29 4.95 -35.85
C GLU A 182 6.46 6.22 -34.99
N ASP A 183 6.04 7.35 -35.50
CA ASP A 183 6.14 8.59 -34.77
C ASP A 183 5.06 8.64 -33.68
N ALA A 184 3.91 8.00 -33.89
CA ALA A 184 2.86 8.00 -32.86
C ALA A 184 3.35 7.10 -31.71
N VAL A 185 3.93 5.96 -32.05
CA VAL A 185 4.53 5.05 -31.07
C VAL A 185 5.65 5.79 -30.23
N LEU A 186 6.48 6.58 -30.90
CA LEU A 186 7.56 7.25 -30.23
C LEU A 186 7.02 8.35 -29.32
N GLU A 187 6.07 9.14 -29.84
CA GLU A 187 5.44 10.22 -29.10
C GLU A 187 4.78 9.67 -27.85
N TYR A 188 4.09 8.53 -27.98
CA TYR A 188 3.43 7.84 -26.86
C TYR A 188 4.47 7.50 -25.73
N LEU A 189 5.61 6.90 -26.13
CA LEU A 189 6.69 6.53 -25.24
C LEU A 189 7.38 7.79 -24.61
N LYS A 190 7.47 8.90 -25.33
CA LYS A 190 8.06 10.13 -24.79
C LYS A 190 7.20 10.66 -23.64
N ILE A 191 5.90 10.65 -23.84
CA ILE A 191 5.01 11.09 -22.79
C ILE A 191 4.99 10.07 -21.64
N ALA A 192 4.86 8.78 -21.96
CA ALA A 192 4.79 7.75 -20.92
C ALA A 192 6.02 7.66 -20.01
N GLN A 193 7.23 7.89 -20.55
CA GLN A 193 8.44 7.81 -19.75
C GLN A 193 8.57 8.85 -18.65
N ASP A 194 7.74 9.87 -18.67
CA ASP A 194 7.73 10.91 -17.64
C ASP A 194 6.87 10.57 -16.43
N LEU A 195 6.01 9.57 -16.57
CA LEU A 195 5.13 9.14 -15.47
C LEU A 195 5.99 8.66 -14.34
N GLU A 196 5.57 8.98 -13.14
CA GLU A 196 6.28 8.62 -11.92
C GLU A 196 6.57 7.14 -11.73
N MSE A 197 5.59 6.29 -12.04
CA MSE A 197 5.77 4.86 -11.85
C MSE A 197 6.32 4.16 -13.07
O MSE A 197 6.52 2.97 -13.05
CB MSE A 197 4.45 4.22 -11.48
CG MSE A 197 3.75 4.91 -10.31
SE MSE A 197 2.20 3.83 -9.82
CE MSE A 197 1.48 5.01 -9.62
N TYR A 198 6.58 4.91 -14.14
CA TYR A 198 7.12 4.32 -15.36
C TYR A 198 8.51 3.70 -15.12
N GLY A 199 8.72 2.50 -15.64
CA GLY A 199 10.01 1.84 -15.47
C GLY A 199 10.49 1.52 -14.04
N VAL A 200 9.61 1.55 -13.04
CA VAL A 200 10.00 1.27 -11.67
C VAL A 200 9.60 -0.13 -11.23
N ASN A 201 10.55 -0.91 -10.69
CA ASN A 201 10.31 -2.26 -10.15
C ASN A 201 10.14 -1.99 -8.66
N TYR A 202 8.95 -2.27 -8.14
CA TYR A 202 8.60 -2.00 -6.75
C TYR A 202 8.71 -3.25 -5.95
N PHE A 203 9.20 -3.11 -4.72
CA PHE A 203 9.38 -4.25 -3.80
C PHE A 203 8.96 -3.88 -2.40
N SER A 204 8.13 -4.73 -1.82
CA SER A 204 7.74 -4.50 -0.46
C SER A 204 8.94 -4.79 0.50
N ILE A 205 9.30 -3.78 1.28
CA ILE A 205 10.41 -3.90 2.23
C ILE A 205 10.05 -3.30 3.59
N LYS A 206 10.88 -3.58 4.59
CA LYS A 206 10.72 -3.10 5.96
C LYS A 206 12.03 -2.51 6.42
N ASN A 207 11.96 -1.50 7.31
CA ASN A 207 13.19 -0.92 7.88
C ASN A 207 13.46 -1.70 9.22
N LYS A 208 14.44 -1.28 10.00
CA LYS A 208 14.79 -1.94 11.26
C LYS A 208 13.52 -2.05 12.14
N LYS A 209 12.84 -0.93 12.35
CA LYS A 209 11.67 -0.94 13.21
C LYS A 209 10.43 -1.67 12.70
N GLY A 210 10.52 -2.28 11.51
CA GLY A 210 9.39 -3.00 10.96
C GLY A 210 8.37 -2.21 10.14
N SER A 211 8.71 -0.97 9.79
CA SER A 211 7.81 -0.13 8.98
C SER A 211 7.74 -0.69 7.55
N GLU A 212 6.51 -0.80 7.07
CA GLU A 212 6.20 -1.28 5.73
C GLU A 212 6.40 -0.16 4.67
N LEU A 213 7.28 -0.40 3.72
CA LEU A 213 7.66 0.61 2.71
C LEU A 213 7.81 -0.01 1.30
N TRP A 214 8.19 0.82 0.33
CA TRP A 214 8.43 0.28 -0.99
C TRP A 214 9.80 0.67 -1.44
N LEU A 215 10.51 -0.28 -2.02
CA LEU A 215 11.81 -0.03 -2.60
C LEU A 215 11.49 -0.01 -4.08
N GLY A 216 11.97 1.00 -4.77
CA GLY A 216 11.80 1.07 -6.20
C GLY A 216 13.18 0.89 -6.82
N VAL A 217 13.33 0.00 -7.82
CA VAL A 217 14.60 -0.18 -8.54
C VAL A 217 14.32 0.21 -9.96
N ASP A 218 15.07 1.15 -10.52
CA ASP A 218 14.86 1.54 -11.92
C ASP A 218 16.17 1.91 -12.61
N ALA A 219 16.08 2.36 -13.88
CA ALA A 219 17.28 2.74 -14.63
C ALA A 219 18.22 3.76 -13.97
N LEU A 220 17.65 4.62 -13.12
CA LEU A 220 18.39 5.70 -12.48
C LEU A 220 18.96 5.48 -11.09
N GLY A 221 18.45 4.48 -10.37
CA GLY A 221 18.92 4.31 -9.01
C GLY A 221 17.97 3.55 -8.13
N LEU A 222 18.01 3.82 -6.83
CA LEU A 222 17.14 3.18 -5.86
C LEU A 222 16.32 4.24 -5.15
N ASN A 223 15.04 3.96 -4.92
CA ASN A 223 14.16 4.92 -4.32
C ASN A 223 13.38 4.24 -3.24
N ILE A 224 13.02 5.02 -2.23
CA ILE A 224 12.24 4.54 -1.12
C ILE A 224 10.90 5.33 -1.11
N TYR A 225 9.79 4.59 -1.06
CA TYR A 225 8.45 5.19 -1.04
C TYR A 225 7.66 4.83 0.18
N GLU A 226 6.80 5.76 0.57
CA GLU A 226 5.89 5.58 1.68
C GLU A 226 4.94 4.44 1.17
N GLN A 227 4.45 3.60 2.08
CA GLN A 227 3.56 2.51 1.70
C GLN A 227 2.34 2.93 0.83
N ASN A 228 1.80 4.13 1.06
CA ASN A 228 0.60 4.62 0.39
C ASN A 228 0.81 5.49 -0.82
N ASP A 229 2.05 5.87 -1.07
CA ASP A 229 2.34 6.75 -2.17
C ASP A 229 3.50 6.19 -3.06
N ARG A 230 3.14 5.51 -4.14
CA ARG A 230 4.17 4.99 -5.05
C ARG A 230 4.52 5.98 -6.19
N LEU A 231 3.90 7.15 -6.20
CA LEU A 231 4.18 8.17 -7.21
C LEU A 231 5.36 9.07 -6.86
N THR A 232 5.49 9.44 -5.59
CA THR A 232 6.54 10.35 -5.14
C THR A 232 7.45 9.75 -4.11
N PRO A 233 8.62 9.31 -4.55
CA PRO A 233 9.54 8.72 -3.57
C PRO A 233 10.01 9.77 -2.54
N LYS A 234 10.26 9.32 -1.32
CA LYS A 234 10.75 10.23 -0.26
C LYS A 234 12.31 10.31 -0.15
N ILE A 235 12.99 9.19 -0.41
CA ILE A 235 14.46 9.09 -0.36
C ILE A 235 15.00 8.43 -1.61
N GLY A 236 16.21 8.81 -1.99
CA GLY A 236 16.79 8.25 -3.17
C GLY A 236 18.30 8.17 -3.11
N PHE A 237 18.82 7.14 -3.77
CA PHE A 237 20.26 6.87 -3.87
C PHE A 237 20.62 6.73 -5.33
N PRO A 238 21.51 7.61 -5.82
CA PRO A 238 21.89 7.51 -7.23
C PRO A 238 22.86 6.34 -7.31
N TRP A 239 23.04 5.69 -8.48
CA TRP A 239 24.01 4.56 -8.58
C TRP A 239 25.44 4.85 -8.08
N SER A 240 25.99 5.98 -8.53
CA SER A 240 27.34 6.38 -8.14
C SER A 240 27.63 6.42 -6.63
N GLU A 241 26.61 6.30 -5.80
CA GLU A 241 26.81 6.31 -4.35
C GLU A 241 26.84 4.92 -3.72
N ILE A 242 26.60 3.92 -4.57
CA ILE A 242 26.55 2.53 -4.13
C ILE A 242 27.81 1.83 -4.61
N ARG A 243 28.50 1.16 -3.70
CA ARG A 243 29.70 0.44 -4.11
C ARG A 243 29.49 -1.07 -4.14
N ASN A 244 28.65 -1.57 -3.24
CA ASN A 244 28.37 -2.99 -3.15
C ASN A 244 27.00 -3.26 -2.56
N ILE A 245 26.32 -4.27 -3.10
CA ILE A 245 25.00 -4.71 -2.63
C ILE A 245 25.14 -6.18 -2.33
N SER A 246 24.34 -6.69 -1.42
CA SER A 246 24.40 -8.08 -1.06
C SER A 246 23.24 -8.44 -0.12
N PHE A 247 22.93 -9.74 -0.02
CA PHE A 247 21.90 -10.16 0.91
C PHE A 247 22.22 -11.43 1.69
N ASN A 248 21.69 -11.48 2.90
CA ASN A 248 21.85 -12.64 3.75
C ASN A 248 20.41 -13.00 4.12
N ASP A 249 19.88 -13.99 3.41
CA ASP A 249 18.49 -14.39 3.59
C ASP A 249 17.50 -13.19 3.32
N LYS A 250 16.76 -12.75 4.34
CA LYS A 250 15.83 -11.63 4.16
C LYS A 250 16.51 -10.28 4.30
N LYS A 251 17.71 -10.23 4.85
CA LYS A 251 18.42 -8.99 5.03
C LYS A 251 19.21 -8.60 3.79
N PHE A 252 19.07 -7.34 3.39
CA PHE A 252 19.77 -6.81 2.23
C PHE A 252 20.60 -5.68 2.80
N VAL A 253 21.82 -5.57 2.30
CA VAL A 253 22.73 -4.54 2.74
C VAL A 253 23.34 -3.84 1.56
N ILE A 254 23.27 -2.51 1.60
CA ILE A 254 23.80 -1.69 0.54
C ILE A 254 24.90 -0.85 1.16
N LYS A 255 26.12 -1.10 0.68
CA LYS A 255 27.30 -0.40 1.15
C LYS A 255 27.63 0.80 0.27
N PRO A 256 27.69 2.00 0.88
CA PRO A 256 27.99 3.32 0.27
C PRO A 256 29.48 3.52 -0.13
N ILE A 257 29.72 4.43 -1.07
CA ILE A 257 31.08 4.71 -1.53
C ILE A 257 31.82 5.78 -0.70
N ASP A 258 32.48 5.30 0.35
CA ASP A 258 33.29 6.11 1.28
C ASP A 258 33.63 5.18 2.46
N LYS A 259 33.12 5.52 3.64
CA LYS A 259 33.35 4.71 4.82
C LYS A 259 32.64 5.34 6.00
N LYS A 260 32.41 6.64 5.91
CA LYS A 260 31.77 7.33 6.99
C LYS A 260 30.31 7.00 7.12
N ALA A 261 29.61 6.87 5.99
CA ALA A 261 28.18 6.55 6.00
C ALA A 261 27.94 5.09 6.38
N PRO A 262 26.88 4.80 7.15
CA PRO A 262 26.59 3.43 7.54
C PRO A 262 26.00 2.65 6.38
N ASP A 263 25.71 1.37 6.57
CA ASP A 263 25.12 0.58 5.50
C ASP A 263 23.62 0.78 5.45
N PHE A 264 23.12 0.92 4.23
CA PHE A 264 21.69 1.08 4.02
C PHE A 264 21.16 -0.36 4.07
N VAL A 265 20.40 -0.68 5.11
CA VAL A 265 19.88 -2.06 5.28
C VAL A 265 18.38 -2.09 5.39
N PHE A 266 17.80 -3.09 4.72
CA PHE A 266 16.36 -3.33 4.72
C PHE A 266 16.09 -4.81 4.67
N TYR A 267 14.85 -5.18 4.95
CA TYR A 267 14.44 -6.57 4.98
C TYR A 267 13.32 -6.91 3.98
N ALA A 268 13.53 -7.94 3.15
CA ALA A 268 12.53 -8.38 2.18
C ALA A 268 11.74 -9.55 2.80
N PRO A 269 10.46 -9.69 2.47
CA PRO A 269 9.69 -10.79 3.04
C PRO A 269 10.12 -12.20 2.60
N ARG A 270 10.85 -12.30 1.50
CA ARG A 270 11.30 -13.57 0.93
C ARG A 270 12.71 -13.43 0.34
N LEU A 271 13.48 -14.52 0.32
CA LEU A 271 14.83 -14.52 -0.24
C LEU A 271 14.74 -14.29 -1.77
N ARG A 272 13.68 -14.88 -2.35
CA ARG A 272 13.34 -14.82 -3.78
C ARG A 272 13.36 -13.35 -4.24
N ILE A 273 12.73 -12.48 -3.43
CA ILE A 273 12.63 -11.02 -3.68
C ILE A 273 14.05 -10.34 -3.66
N ASN A 274 14.89 -10.69 -2.70
CA ASN A 274 16.24 -10.16 -2.63
C ASN A 274 17.11 -10.58 -3.83
N LYS A 275 16.86 -11.78 -4.34
CA LYS A 275 17.58 -12.29 -5.49
C LYS A 275 17.19 -11.45 -6.72
N ARG A 276 15.89 -11.12 -6.81
CA ARG A 276 15.37 -10.30 -7.91
C ARG A 276 15.91 -8.88 -7.80
N ILE A 277 15.96 -8.35 -6.58
CA ILE A 277 16.47 -7.02 -6.35
C ILE A 277 17.93 -6.96 -6.75
N LEU A 278 18.69 -7.99 -6.40
CA LEU A 278 20.13 -7.99 -6.74
C LEU A 278 20.35 -8.01 -8.24
N ALA A 279 19.69 -8.96 -8.90
CA ALA A 279 19.74 -9.04 -10.37
C ALA A 279 19.38 -7.68 -11.03
N LEU A 280 18.28 -7.05 -10.60
CA LEU A 280 17.85 -5.77 -11.14
C LEU A 280 18.81 -4.62 -10.86
N CYS A 281 19.34 -4.53 -9.64
CA CYS A 281 20.32 -3.47 -9.34
C CYS A 281 21.54 -3.61 -10.26
N MSE A 282 22.09 -4.82 -10.33
CA MSE A 282 23.25 -5.10 -11.16
C MSE A 282 23.02 -4.67 -12.60
O MSE A 282 23.83 -3.93 -13.16
CB MSE A 282 23.57 -6.60 -11.13
CG MSE A 282 24.03 -7.12 -9.78
SE MSE A 282 24.54 -8.96 -9.86
CE MSE A 282 25.99 -8.69 -10.99
N GLY A 283 21.91 -5.12 -13.18
CA GLY A 283 21.61 -4.81 -14.57
C GLY A 283 21.41 -3.35 -14.86
N ASN A 284 20.61 -2.64 -14.07
CA ASN A 284 20.42 -1.21 -14.26
C ASN A 284 21.74 -0.44 -13.97
N HIS A 285 22.49 -0.85 -12.96
CA HIS A 285 23.76 -0.15 -12.69
C HIS A 285 24.73 -0.24 -13.89
N GLU A 286 24.89 -1.43 -14.45
CA GLU A 286 25.75 -1.68 -15.61
C GLU A 286 25.35 -0.89 -16.85
N LEU A 287 24.07 -0.94 -17.18
CA LEU A 287 23.61 -0.19 -18.33
C LEU A 287 23.71 1.33 -18.07
N TYR A 288 23.57 1.74 -16.81
CA TYR A 288 23.60 3.17 -16.49
C TYR A 288 24.99 3.72 -16.83
N MSE A 289 25.98 2.96 -16.36
CA MSE A 289 27.40 3.25 -16.51
C MSE A 289 27.77 3.17 -18.01
O MSE A 289 28.33 4.13 -18.57
CB MSE A 289 28.20 2.23 -15.66
CG MSE A 289 28.10 2.45 -14.14
SE MSE A 289 28.34 4.32 -13.64
CE MSE A 289 27.22 4.32 -12.10
N ARG A 290 27.41 2.08 -18.65
CA ARG A 290 27.67 1.87 -20.07
C ARG A 290 27.15 3.01 -20.99
N ARG A 291 26.10 3.74 -20.59
CA ARG A 291 25.58 4.86 -21.42
C ARG A 291 26.47 6.10 -21.32
N ARG A 292 27.11 6.23 -20.15
CA ARG A 292 27.95 7.38 -19.81
C ARG A 292 29.40 7.28 -20.21
N LYS A 293 29.99 6.13 -19.92
CA LYS A 293 31.38 5.83 -20.23
C LYS A 293 31.37 4.43 -20.77
N PRO A 294 31.21 4.29 -22.11
CA PRO A 294 31.15 3.06 -22.92
C PRO A 294 32.47 2.28 -23.15
N ALA B 1 38.88 31.35 -51.24
CA ALA B 1 38.36 31.54 -49.84
C ALA B 1 39.23 30.96 -48.70
N GLU B 2 38.68 31.04 -47.48
CA GLU B 2 39.38 30.61 -46.26
C GLU B 2 38.43 30.08 -45.20
N ALA B 3 38.87 29.02 -44.50
CA ALA B 3 38.06 28.45 -43.42
C ALA B 3 38.99 27.82 -42.43
N SER B 4 38.56 27.80 -41.17
CA SER B 4 39.30 27.21 -40.07
C SER B 4 38.32 26.41 -39.22
N ALA B 5 38.86 25.50 -38.41
CA ALA B 5 38.05 24.70 -37.52
C ALA B 5 38.95 24.10 -36.45
N ASP B 6 38.55 24.27 -35.19
CA ASP B 6 39.25 23.70 -34.04
C ASP B 6 38.70 22.30 -33.84
N LEU B 7 39.55 21.37 -33.42
CA LEU B 7 39.13 19.99 -33.25
C LEU B 7 39.31 19.51 -31.81
N ARG B 8 38.17 19.16 -31.19
CA ARG B 8 38.13 18.68 -29.80
C ARG B 8 36.85 17.88 -29.46
N ALA B 9 37.01 16.81 -28.66
CA ALA B 9 35.88 15.97 -28.21
C ALA B 9 35.04 16.64 -27.13
N ASP B 10 33.78 16.98 -27.43
CA ASP B 10 32.91 17.63 -26.42
C ASP B 10 31.92 16.68 -25.71
N ALA B 11 32.46 15.86 -24.79
CA ALA B 11 31.67 14.89 -24.02
C ALA B 11 30.39 15.54 -23.48
N MET B 12 29.24 15.09 -23.99
CA MET B 12 27.93 15.62 -23.62
C MET B 12 27.13 14.92 -22.48
N ALA B 13 27.40 13.63 -22.25
CA ALA B 13 26.75 12.85 -21.18
C ALA B 13 27.21 13.36 -19.79
N LYS B 14 26.84 12.68 -18.70
CA LYS B 14 27.21 13.10 -17.33
C LYS B 14 26.52 12.31 -16.20
N ASP B 15 27.29 11.92 -15.18
CA ASP B 15 26.72 11.22 -14.03
C ASP B 15 25.59 12.05 -13.40
N ARG B 16 24.55 11.38 -12.97
CA ARG B 16 23.40 12.02 -12.34
C ARG B 16 22.73 13.12 -13.15
N SER B 17 22.90 13.07 -14.48
CA SER B 17 22.31 14.03 -15.41
C SER B 17 20.76 14.04 -15.38
N GLU B 18 20.18 12.88 -15.05
CA GLU B 18 18.72 12.69 -14.93
C GLU B 18 18.07 13.78 -14.04
N GLU B 19 18.83 14.23 -13.06
CA GLU B 19 18.33 15.25 -12.13
C GLU B 19 17.96 16.58 -12.79
N GLU B 20 18.56 16.87 -13.95
CA GLU B 20 18.31 18.12 -14.68
C GLU B 20 17.34 17.98 -15.84
N ARG B 21 16.90 16.75 -16.11
CA ARG B 21 15.94 16.48 -17.18
C ARG B 21 14.61 17.17 -16.93
N THR B 22 13.91 17.43 -18.02
CA THR B 22 12.60 18.05 -17.96
C THR B 22 11.65 17.07 -18.68
N THR B 23 10.36 17.28 -18.54
CA THR B 23 9.41 16.39 -19.15
C THR B 23 9.16 16.76 -20.61
N GLU B 24 8.55 15.85 -21.37
CA GLU B 24 8.20 16.12 -22.76
C GLU B 24 7.16 17.27 -22.83
N ALA B 25 6.21 17.31 -21.90
CA ALA B 25 5.18 18.34 -21.95
C ALA B 25 5.75 19.72 -21.71
N GLU B 26 6.90 19.76 -21.04
CA GLU B 26 7.60 21.01 -20.76
C GLU B 26 8.46 21.43 -21.94
N LYS B 27 8.95 20.45 -22.71
CA LYS B 27 9.78 20.73 -23.88
C LYS B 27 9.02 20.67 -25.19
N ASN B 28 7.78 20.17 -25.16
CA ASN B 28 6.96 20.03 -26.36
C ASN B 28 5.75 20.94 -26.15
N GLU B 29 5.65 21.98 -26.98
CA GLU B 29 4.56 22.92 -26.86
C GLU B 29 3.26 22.37 -27.38
N ARG B 30 3.29 21.49 -28.38
CA ARG B 30 2.07 20.87 -28.94
C ARG B 30 1.42 19.92 -27.93
N VAL B 31 2.25 19.14 -27.24
CA VAL B 31 1.79 18.18 -26.23
C VAL B 31 1.18 18.98 -25.07
N GLN B 32 1.85 20.06 -24.70
CA GLN B 32 1.40 20.94 -23.63
C GLN B 32 0.04 21.57 -24.00
N LYS B 33 -0.14 21.98 -25.24
CA LYS B 33 -1.41 22.56 -25.69
C LYS B 33 -2.50 21.44 -25.74
N HIS B 34 -2.10 20.22 -26.12
CA HIS B 34 -3.08 19.14 -26.19
C HIS B 34 -3.62 18.80 -24.83
N LEU B 35 -2.72 18.73 -23.86
CA LEU B 35 -3.07 18.37 -22.50
C LEU B 35 -3.98 19.41 -21.90
N LYS B 36 -3.72 20.69 -22.20
CA LYS B 36 -4.53 21.81 -21.67
C LYS B 36 -5.95 21.72 -22.22
N ALA B 37 -6.04 21.41 -23.50
CA ALA B 37 -7.32 21.25 -24.15
C ALA B 37 -8.09 20.09 -23.52
N LEU B 38 -7.43 18.94 -23.35
CA LEU B 38 -8.04 17.76 -22.73
C LEU B 38 -8.50 18.02 -21.30
N THR B 39 -7.78 18.89 -20.58
CA THR B 39 -8.21 19.20 -19.22
C THR B 39 -9.60 19.89 -19.27
N SER B 40 -9.79 20.87 -20.18
CA SER B 40 -11.09 21.54 -20.35
C SER B 40 -12.21 20.56 -20.73
N GLU B 41 -11.96 19.84 -21.81
CA GLU B 41 -12.91 18.86 -22.36
C GLU B 41 -13.40 17.83 -21.36
N LEU B 42 -12.56 17.46 -20.42
CA LEU B 42 -12.98 16.45 -19.48
C LEU B 42 -13.59 16.99 -18.18
N ALA B 43 -13.29 18.27 -17.86
CA ALA B 43 -13.74 18.94 -16.62
C ALA B 43 -15.21 18.77 -16.32
N ASN B 44 -16.02 18.79 -17.36
CA ASN B 44 -17.47 18.64 -17.26
C ASN B 44 -18.00 17.21 -17.36
N ALA B 45 -17.13 16.24 -17.60
CA ALA B 45 -17.58 14.84 -17.66
C ALA B 45 -17.18 14.15 -16.39
N ARG B 46 -16.22 14.75 -15.69
CA ARG B 46 -15.66 14.18 -14.48
C ARG B 46 -16.66 14.09 -13.32
N ASP B 47 -16.63 12.97 -12.63
CA ASP B 47 -17.42 12.80 -11.47
C ASP B 47 -16.39 13.02 -10.36
N GLU B 48 -16.42 14.21 -9.76
CA GLU B 48 -15.49 14.58 -8.70
C GLU B 48 -15.56 13.80 -7.39
N SER B 49 -16.55 12.92 -7.23
CA SER B 49 -16.68 12.10 -6.02
C SER B 49 -16.02 10.75 -6.14
N LYS B 50 -15.47 10.51 -7.32
CA LYS B 50 -14.78 9.28 -7.66
C LYS B 50 -13.37 9.84 -7.85
N LYS B 51 -12.56 9.66 -6.84
CA LYS B 51 -11.17 10.12 -6.89
C LYS B 51 -10.43 9.01 -6.17
N THR B 52 -9.47 8.38 -6.83
CA THR B 52 -8.69 7.37 -6.11
C THR B 52 -7.58 8.10 -5.34
N ALA B 53 -6.91 7.35 -4.45
CA ALA B 53 -5.79 7.86 -3.66
C ALA B 53 -4.71 8.44 -4.56
N ASN B 54 -4.36 7.69 -5.62
CA ASN B 54 -3.34 8.13 -6.62
C ASN B 54 -3.78 9.39 -7.35
N ASP B 55 -5.09 9.53 -7.62
CA ASP B 55 -5.60 10.75 -8.27
C ASP B 55 -5.34 11.95 -7.40
N MSE B 56 -5.58 11.79 -6.10
CA MSE B 56 -5.34 12.87 -5.14
C MSE B 56 -3.87 13.18 -4.97
O MSE B 56 -3.49 14.34 -4.93
CB MSE B 56 -6.02 12.55 -3.81
CG MSE B 56 -7.55 12.65 -4.01
SE MSE B 56 -8.56 12.37 -2.48
CE MSE B 56 -8.34 10.66 -2.32
N ILE B 57 -3.04 12.15 -4.88
CA ILE B 57 -1.59 12.31 -4.70
C ILE B 57 -1.11 13.06 -5.93
N HIS B 58 -1.52 12.59 -7.11
CA HIS B 58 -1.12 13.26 -8.36
C HIS B 58 -1.54 14.74 -8.46
N ALA B 59 -2.80 15.06 -8.13
CA ALA B 59 -3.28 16.45 -8.19
C ALA B 59 -2.55 17.38 -7.19
N GLU B 60 -2.16 16.82 -6.05
CA GLU B 60 -1.45 17.56 -5.01
C GLU B 60 0.00 17.80 -5.52
N ASN B 61 0.58 16.78 -6.15
CA ASN B 61 1.91 16.87 -6.74
C ASN B 61 1.94 18.02 -7.76
N MSE B 62 0.93 18.07 -8.64
CA MSE B 62 0.81 19.12 -9.64
C MSE B 62 0.59 20.44 -8.97
O MSE B 62 1.25 21.41 -9.32
CB MSE B 62 -0.32 18.86 -10.65
CG MSE B 62 -0.14 17.59 -11.47
SE MSE B 62 1.48 17.60 -12.52
CE MSE B 62 0.60 18.63 -14.05
N ARG B 63 -0.28 20.48 -7.96
CA ARG B 63 -0.52 21.74 -7.25
C ARG B 63 0.79 22.35 -6.69
N LEU B 64 1.67 21.49 -6.20
CA LEU B 64 2.95 21.89 -5.61
C LEU B 64 4.09 22.02 -6.64
N GLY B 65 3.78 21.83 -7.92
CA GLY B 65 4.78 21.95 -8.98
C GLY B 65 5.81 20.83 -9.16
N ARG B 66 5.45 19.61 -8.80
CA ARG B 66 6.38 18.52 -8.85
C ARG B 66 6.42 17.83 -10.19
N ASP B 67 7.53 17.16 -10.40
CA ASP B 67 7.72 16.32 -11.56
C ASP B 67 8.81 15.29 -11.17
N LYS B 68 8.77 14.16 -11.86
CA LYS B 68 9.66 13.02 -11.64
C LYS B 68 11.17 13.42 -11.43
N TYR B 69 11.71 14.23 -12.31
CA TYR B 69 13.11 14.61 -12.21
C TYR B 69 13.43 15.63 -11.09
N LYS B 70 12.54 16.58 -10.88
CA LYS B 70 12.73 17.56 -9.81
C LYS B 70 12.70 16.81 -8.47
N THR B 71 11.80 15.83 -8.32
CA THR B 71 11.70 15.05 -7.08
C THR B 71 12.95 14.16 -6.86
N LEU B 72 13.41 13.53 -7.95
CA LEU B 72 14.61 12.69 -7.87
C LEU B 72 15.77 13.53 -7.34
N ARG B 73 15.89 14.76 -7.88
CA ARG B 73 16.91 15.72 -7.46
C ARG B 73 16.78 15.99 -5.97
N GLN B 74 15.61 16.45 -5.57
CA GLN B 74 15.30 16.75 -4.18
C GLN B 74 15.54 15.63 -3.16
N ILE B 75 15.07 14.42 -3.48
CA ILE B 75 15.17 13.31 -2.52
C ILE B 75 16.55 12.73 -2.34
N ARG B 76 17.47 13.08 -3.25
CA ARG B 76 18.87 12.63 -3.20
C ARG B 76 19.77 13.59 -2.43
N GLN B 77 19.17 14.71 -1.99
CA GLN B 77 19.88 15.72 -1.22
C GLN B 77 20.21 15.22 0.14
N GLY B 78 21.27 15.77 0.69
CA GLY B 78 21.68 15.36 2.00
C GLY B 78 22.72 14.30 1.74
N ASN B 79 23.43 13.92 2.79
CA ASN B 79 24.45 12.91 2.62
C ASN B 79 23.79 11.55 2.84
N THR B 80 24.58 10.49 2.63
CA THR B 80 24.11 9.11 2.80
C THR B 80 23.64 8.75 4.24
N LYS B 81 24.30 9.26 5.28
CA LYS B 81 23.81 8.97 6.62
C LYS B 81 22.51 9.69 6.97
N GLN B 82 22.28 10.87 6.41
CA GLN B 82 21.04 11.60 6.71
C GLN B 82 19.88 10.87 6.07
N ARG B 83 20.08 10.40 4.83
CA ARG B 83 19.00 9.70 4.14
C ARG B 83 18.71 8.34 4.69
N ILE B 84 19.74 7.67 5.21
CA ILE B 84 19.56 6.35 5.82
C ILE B 84 18.80 6.53 7.16
N ASP B 85 19.03 7.67 7.83
CA ASP B 85 18.40 7.97 9.10
C ASP B 85 16.92 8.30 8.93
N GLU B 86 16.61 8.98 7.84
CA GLU B 86 15.23 9.30 7.52
C GLU B 86 14.50 8.00 7.21
N PHE B 87 15.18 7.11 6.48
CA PHE B 87 14.65 5.79 6.14
C PHE B 87 14.25 5.02 7.40
N GLU B 88 15.16 4.98 8.38
CA GLU B 88 14.88 4.26 9.63
C GLU B 88 13.74 4.92 10.38
N SER B 89 13.61 6.23 10.24
CA SER B 89 12.55 6.95 10.96
C SER B 89 11.20 6.86 10.26
N MSE B 90 11.14 6.25 9.07
CA MSE B 90 9.87 6.11 8.35
C MSE B 90 8.93 5.03 8.94
O MSE B 90 7.75 4.95 8.51
OXT MSE B 90 9.35 4.30 9.87
CB MSE B 90 10.12 5.90 6.83
CG MSE B 90 10.42 7.19 6.03
SE MSE B 90 10.90 6.95 4.20
CE MSE B 90 9.14 7.12 3.48
N THR C 1 12.33 -25.82 36.30
CA THR C 1 11.47 -24.68 35.84
C THR C 1 12.02 -23.72 34.77
N ILE C 2 11.09 -23.30 33.92
CA ILE C 2 11.32 -22.39 32.82
C ILE C 2 10.94 -20.95 33.20
N SER C 3 11.92 -20.07 33.00
CA SER C 3 11.80 -18.66 33.33
C SER C 3 10.97 -17.95 32.28
N VAL C 4 9.96 -17.21 32.75
CA VAL C 4 9.05 -16.45 31.86
C VAL C 4 8.80 -15.02 32.32
N ARG C 5 8.71 -14.14 31.33
CA ARG C 5 8.42 -12.74 31.59
C ARG C 5 7.26 -12.33 30.69
N VAL C 6 6.18 -11.83 31.31
CA VAL C 6 5.02 -11.39 30.55
C VAL C 6 4.78 -9.91 30.76
N THR C 7 4.83 -9.16 29.65
CA THR C 7 4.60 -7.75 29.70
C THR C 7 3.27 -7.28 29.18
N THR C 8 2.50 -6.59 30.02
CA THR C 8 1.22 -5.99 29.62
C THR C 8 1.58 -4.55 29.18
N MSE C 9 0.59 -3.72 28.87
CA MSE C 9 0.90 -2.36 28.43
C MSE C 9 1.54 -1.52 29.53
O MSE C 9 2.22 -0.53 29.23
CB MSE C 9 -0.36 -1.66 27.92
CG MSE C 9 -0.83 -2.16 26.54
SE MSE C 9 0.50 -2.04 25.14
CE MSE C 9 0.94 -0.19 25.32
N ASP C 10 1.31 -1.86 30.80
CA ASP C 10 1.90 -1.05 31.86
C ASP C 10 2.44 -1.83 33.03
N ALA C 11 2.75 -3.09 32.82
CA ALA C 11 3.26 -3.87 33.93
C ALA C 11 4.06 -5.05 33.43
N GLU C 12 4.97 -5.52 34.26
CA GLU C 12 5.80 -6.65 33.88
C GLU C 12 5.69 -7.74 34.95
N LEU C 13 5.49 -8.97 34.49
CA LEU C 13 5.31 -10.08 35.39
C LEU C 13 6.36 -11.14 35.14
N GLU C 14 6.92 -11.67 36.22
CA GLU C 14 7.89 -12.73 36.09
C GLU C 14 7.35 -14.04 36.69
N PHE C 15 7.26 -15.08 35.85
CA PHE C 15 6.76 -16.40 36.25
C PHE C 15 7.81 -17.48 36.03
N ALA C 16 7.68 -18.57 36.80
CA ALA C 16 8.55 -19.75 36.66
C ALA C 16 7.55 -20.89 36.41
N ILE C 17 7.62 -21.48 35.22
CA ILE C 17 6.70 -22.53 34.84
C ILE C 17 7.34 -23.91 34.62
N GLN C 18 6.59 -24.97 34.92
CA GLN C 18 7.10 -26.33 34.68
C GLN C 18 7.02 -26.59 33.17
N PRO C 19 7.79 -27.56 32.67
CA PRO C 19 7.79 -27.88 31.23
C PRO C 19 6.42 -28.33 30.76
N ASN C 20 5.64 -28.84 31.71
CA ASN C 20 4.31 -29.36 31.46
C ASN C 20 3.28 -28.25 31.12
N THR C 21 3.59 -27.01 31.52
CA THR C 21 2.69 -25.86 31.34
C THR C 21 2.26 -25.61 29.90
N THR C 22 0.94 -25.43 29.76
CA THR C 22 0.22 -25.16 28.50
C THR C 22 0.05 -23.64 28.39
N GLY C 23 -0.32 -23.15 27.20
CA GLY C 23 -0.53 -21.72 27.06
C GLY C 23 -1.66 -21.26 27.97
N LYS C 24 -2.69 -22.09 28.10
CA LYS C 24 -3.85 -21.80 28.94
C LYS C 24 -3.46 -21.62 30.41
N GLN C 25 -2.55 -22.43 30.93
CA GLN C 25 -2.19 -22.29 32.34
C GLN C 25 -1.41 -21.02 32.59
N LEU C 26 -0.54 -20.68 31.64
CA LEU C 26 0.25 -19.45 31.68
C LEU C 26 -0.68 -18.22 31.58
N PHE C 27 -1.67 -18.26 30.68
CA PHE C 27 -2.62 -17.15 30.50
C PHE C 27 -3.43 -16.89 31.78
N ASP C 28 -3.79 -17.98 32.45
CA ASP C 28 -4.57 -17.93 33.69
C ASP C 28 -3.78 -17.29 34.84
N GLN C 29 -2.47 -17.53 34.89
CA GLN C 29 -1.66 -16.92 35.95
C GLN C 29 -1.58 -15.42 35.77
N VAL C 30 -1.38 -15.01 34.53
CA VAL C 30 -1.31 -13.62 34.11
C VAL C 30 -2.61 -12.88 34.45
N VAL C 31 -3.74 -13.32 33.89
CA VAL C 31 -5.00 -12.62 34.18
C VAL C 31 -5.32 -12.62 35.66
N LYS C 32 -4.99 -13.74 36.34
CA LYS C 32 -5.19 -13.92 37.78
C LYS C 32 -4.40 -12.86 38.56
N THR C 33 -3.11 -12.80 38.25
CA THR C 33 -2.17 -11.87 38.85
C THR C 33 -2.54 -10.40 38.67
N ILE C 34 -2.97 -10.01 37.45
CA ILE C 34 -3.37 -8.60 37.21
C ILE C 34 -4.83 -8.27 37.57
N GLY C 35 -5.60 -9.28 38.01
CA GLY C 35 -6.99 -9.02 38.41
C GLY C 35 -7.96 -8.77 37.28
N LEU C 36 -7.71 -9.44 36.15
CA LEU C 36 -8.50 -9.26 34.94
C LEU C 36 -9.48 -10.42 34.69
N ARG C 37 -10.77 -10.09 34.70
CA ARG C 37 -11.85 -11.06 34.43
C ARG C 37 -12.39 -11.06 32.98
N GLU C 38 -12.30 -9.94 32.24
CA GLU C 38 -12.76 -9.88 30.84
C GLU C 38 -11.66 -10.38 29.91
N VAL C 39 -11.33 -11.65 30.08
CA VAL C 39 -10.24 -12.31 29.40
C VAL C 39 -10.37 -12.62 27.93
N TRP C 40 -11.59 -12.79 27.48
CA TRP C 40 -11.88 -13.13 26.09
C TRP C 40 -11.24 -12.24 25.02
N PHE C 41 -10.98 -10.98 25.33
CA PHE C 41 -10.38 -10.06 24.40
C PHE C 41 -8.88 -10.26 24.25
N PHE C 42 -8.24 -10.87 25.26
CA PHE C 42 -6.81 -11.01 25.29
C PHE C 42 -6.08 -12.25 24.86
N GLY C 43 -4.78 -12.08 24.67
CA GLY C 43 -3.95 -13.18 24.27
C GLY C 43 -2.51 -12.91 24.62
N LEU C 44 -1.64 -13.91 24.48
CA LEU C 44 -0.21 -13.75 24.74
C LEU C 44 0.55 -13.87 23.42
N GLN C 45 1.33 -12.86 23.08
CA GLN C 45 2.06 -12.87 21.83
C GLN C 45 3.52 -13.12 22.11
N TYR C 46 4.22 -13.77 21.18
CA TYR C 46 5.63 -14.04 21.37
C TYR C 46 6.31 -13.95 20.00
N GLN C 47 7.62 -13.90 20.00
CA GLN C 47 8.38 -13.89 18.76
C GLN C 47 8.85 -15.32 18.56
N ASP C 48 8.43 -15.97 17.48
CA ASP C 48 8.89 -17.34 17.29
C ASP C 48 10.37 -17.46 16.84
N THR C 49 10.81 -18.71 16.60
CA THR C 49 12.17 -19.06 16.16
C THR C 49 12.53 -18.30 14.90
N LYS C 50 11.56 -18.25 13.98
CA LYS C 50 11.69 -17.59 12.69
C LYS C 50 11.66 -16.06 12.82
N GLY C 51 11.22 -15.55 13.98
CA GLY C 51 11.11 -14.10 14.19
C GLY C 51 9.71 -13.51 13.96
N PHE C 52 8.69 -14.36 13.87
CA PHE C 52 7.31 -13.90 13.65
C PHE C 52 6.51 -13.70 14.96
N SER C 53 5.71 -12.63 14.99
CA SER C 53 4.84 -12.35 16.13
C SER C 53 3.76 -13.41 16.01
N THR C 54 3.56 -14.16 17.09
CA THR C 54 2.64 -15.27 17.10
C THR C 54 1.81 -15.32 18.38
N TRP C 55 0.53 -15.66 18.24
CA TRP C 55 -0.30 -15.83 19.43
C TRP C 55 -0.06 -17.28 19.95
N LEU C 56 0.23 -17.38 21.24
CA LEU C 56 0.45 -18.65 21.90
C LEU C 56 -0.88 -19.43 21.91
N LYS C 57 -0.88 -20.66 21.39
CA LYS C 57 -2.10 -21.48 21.41
C LYS C 57 -2.29 -21.85 22.88
N LEU C 58 -3.53 -21.80 23.35
CA LEU C 58 -3.82 -22.11 24.74
C LEU C 58 -3.95 -23.60 25.10
N ASN C 59 -4.35 -24.40 24.12
CA ASN C 59 -4.55 -25.86 24.23
C ASN C 59 -3.24 -26.70 24.22
N LYS C 60 -2.14 -26.14 23.71
CA LYS C 60 -0.84 -26.79 23.63
C LYS C 60 0.08 -26.38 24.76
N LYS C 61 1.18 -27.13 24.93
CA LYS C 61 2.21 -26.83 25.94
C LYS C 61 3.00 -25.59 25.45
N VAL C 62 3.55 -24.80 26.36
CA VAL C 62 4.31 -23.60 25.94
C VAL C 62 5.62 -24.01 25.27
N THR C 63 6.23 -25.06 25.80
CA THR C 63 7.49 -25.57 25.27
C THR C 63 7.35 -26.22 23.89
N ALA C 64 6.18 -26.79 23.61
CA ALA C 64 5.92 -27.42 22.32
C ALA C 64 5.61 -26.42 21.18
N GLN C 65 5.61 -25.12 21.47
CA GLN C 65 5.36 -24.10 20.45
C GLN C 65 6.71 -23.53 20.08
N ASP C 66 6.84 -22.90 18.91
CA ASP C 66 8.15 -22.44 18.47
C ASP C 66 8.68 -21.20 19.16
N VAL C 67 8.56 -21.15 20.49
CA VAL C 67 9.05 -20.04 21.27
C VAL C 67 10.57 -19.90 21.13
N ARG C 68 10.98 -18.67 20.86
CA ARG C 68 12.37 -18.28 20.69
C ARG C 68 13.20 -18.70 21.91
N LYS C 69 13.77 -19.91 21.84
CA LYS C 69 14.57 -20.46 22.93
C LYS C 69 15.53 -19.41 23.45
N GLU C 70 15.24 -18.95 24.66
CA GLU C 70 16.02 -17.96 25.40
C GLU C 70 15.47 -17.95 26.81
N SER C 71 16.05 -17.14 27.68
CA SER C 71 15.58 -17.10 29.07
C SER C 71 15.74 -15.70 29.69
N PRO C 72 14.65 -15.15 30.26
CA PRO C 72 13.36 -15.83 30.29
C PRO C 72 12.65 -15.78 28.93
N LEU C 73 11.58 -16.57 28.80
CA LEU C 73 10.78 -16.56 27.59
C LEU C 73 10.01 -15.21 27.68
N LEU C 74 10.00 -14.46 26.59
CA LEU C 74 9.33 -13.19 26.59
C LEU C 74 7.99 -13.20 25.87
N PHE C 75 6.94 -12.83 26.60
CA PHE C 75 5.57 -12.74 26.01
C PHE C 75 4.98 -11.37 26.23
N LYS C 76 4.14 -10.93 25.30
CA LYS C 76 3.43 -9.67 25.42
C LYS C 76 1.94 -9.97 25.57
N PHE C 77 1.35 -9.49 26.66
CA PHE C 77 -0.09 -9.67 26.86
C PHE C 77 -0.76 -8.46 26.19
N ARG C 78 -1.61 -8.79 25.22
CA ARG C 78 -2.30 -7.80 24.40
C ARG C 78 -3.71 -8.24 23.98
N ALA C 79 -4.54 -7.28 23.62
CA ALA C 79 -5.89 -7.53 23.19
C ALA C 79 -5.77 -8.05 21.76
N LYS C 80 -6.36 -9.22 21.53
CA LYS C 80 -6.38 -9.83 20.23
C LYS C 80 -7.74 -9.46 19.55
N PHE C 81 -8.75 -9.25 20.38
CA PHE C 81 -10.10 -8.89 19.91
C PHE C 81 -10.50 -7.62 20.57
N TYR C 82 -11.29 -6.84 19.84
CA TYR C 82 -11.81 -5.57 20.32
C TYR C 82 -13.31 -5.64 20.49
N PRO C 83 -13.84 -4.91 21.49
CA PRO C 83 -15.27 -4.86 21.73
C PRO C 83 -15.88 -4.02 20.59
N GLU C 84 -17.19 -4.15 20.39
CA GLU C 84 -17.91 -3.38 19.37
C GLU C 84 -18.17 -1.99 19.92
N ASP C 85 -18.32 -1.92 21.23
CA ASP C 85 -18.60 -0.68 21.91
C ASP C 85 -17.93 -0.70 23.30
N VAL C 86 -17.03 0.24 23.53
CA VAL C 86 -16.29 0.26 24.78
C VAL C 86 -17.11 0.54 26.02
N SER C 87 -18.04 1.49 25.94
CA SER C 87 -18.89 1.85 27.09
C SER C 87 -19.75 0.68 27.61
N GLU C 88 -20.14 -0.21 26.70
CA GLU C 88 -20.92 -1.39 27.09
C GLU C 88 -20.07 -2.59 27.55
N GLU C 89 -18.99 -2.82 26.82
CA GLU C 89 -18.19 -4.00 27.06
C GLU C 89 -16.93 -3.99 27.88
N LEU C 90 -16.43 -2.83 28.28
CA LEU C 90 -15.21 -2.85 29.05
C LEU C 90 -15.47 -2.38 30.47
N ILE C 91 -16.11 -3.27 31.25
CA ILE C 91 -16.50 -3.00 32.63
C ILE C 91 -15.41 -2.73 33.66
N GLN C 92 -14.29 -3.42 33.60
CA GLN C 92 -13.27 -3.19 34.61
C GLN C 92 -12.28 -2.06 34.31
N ASP C 93 -11.67 -1.56 35.37
CA ASP C 93 -10.67 -0.51 35.31
C ASP C 93 -9.43 -1.04 34.58
N ILE C 94 -8.97 -2.23 34.96
CA ILE C 94 -7.79 -2.79 34.31
C ILE C 94 -8.06 -3.07 32.81
N THR C 95 -9.26 -3.53 32.47
CA THR C 95 -9.58 -3.78 31.06
C THR C 95 -9.53 -2.49 30.23
N GLN C 96 -10.16 -1.44 30.73
CA GLN C 96 -10.19 -0.14 30.06
C GLN C 96 -8.80 0.40 29.89
N ARG C 97 -8.01 0.36 30.95
CA ARG C 97 -6.66 0.86 30.92
C ARG C 97 -5.81 0.12 29.89
N LEU C 98 -5.94 -1.20 29.84
CA LEU C 98 -5.16 -2.00 28.90
C LEU C 98 -5.52 -1.74 27.44
N PHE C 99 -6.81 -1.58 27.16
CA PHE C 99 -7.27 -1.27 25.80
C PHE C 99 -6.79 0.17 25.45
N PHE C 100 -6.95 1.10 26.38
CA PHE C 100 -6.55 2.50 26.18
C PHE C 100 -5.07 2.62 25.85
N LEU C 101 -4.22 2.00 26.65
CA LEU C 101 -2.79 2.06 26.39
C LEU C 101 -2.43 1.44 25.04
N GLN C 102 -3.06 0.33 24.70
CA GLN C 102 -2.76 -0.31 23.43
C GLN C 102 -3.22 0.51 22.24
N VAL C 103 -4.47 1.01 22.31
CA VAL C 103 -5.07 1.82 21.25
C VAL C 103 -4.27 3.10 21.07
N LYS C 104 -3.95 3.78 22.20
CA LYS C 104 -3.12 5.00 22.20
C LYS C 104 -1.78 4.74 21.48
N GLU C 105 -1.18 3.58 21.77
CA GLU C 105 0.09 3.19 21.16
C GLU C 105 -0.01 3.11 19.65
N GLY C 106 -1.12 2.58 19.15
CA GLY C 106 -1.34 2.47 17.72
C GLY C 106 -1.61 3.83 17.10
N ILE C 107 -2.29 4.71 17.82
CA ILE C 107 -2.52 6.06 17.32
C ILE C 107 -1.19 6.85 17.27
N LEU C 108 -0.43 6.78 18.36
CA LEU C 108 0.84 7.48 18.46
C LEU C 108 1.86 7.02 17.45
N ASN C 109 1.80 5.73 17.07
CA ASN C 109 2.73 5.19 16.09
C ASN C 109 2.24 5.17 14.67
N ASP C 110 1.06 5.77 14.44
CA ASP C 110 0.42 5.85 13.14
C ASP C 110 0.04 4.52 12.51
N ASP C 111 -0.33 3.55 13.35
CA ASP C 111 -0.81 2.24 12.88
C ASP C 111 -2.27 2.46 12.52
N ILE C 112 -2.92 3.35 13.30
CA ILE C 112 -4.32 3.73 13.09
C ILE C 112 -4.28 5.20 12.68
N TYR C 113 -4.74 5.51 11.48
CA TYR C 113 -4.74 6.90 11.05
C TYR C 113 -5.72 7.69 11.92
N CYS C 114 -5.32 8.88 12.31
CA CYS C 114 -6.15 9.72 13.12
C CYS C 114 -5.89 11.14 12.63
N PRO C 115 -6.95 11.89 12.23
CA PRO C 115 -6.76 13.27 11.75
C PRO C 115 -6.21 14.19 12.88
N PRO C 116 -5.53 15.28 12.53
CA PRO C 116 -4.96 16.18 13.55
C PRO C 116 -5.84 16.73 14.67
N GLU C 117 -7.02 17.23 14.33
CA GLU C 117 -7.90 17.76 15.35
C GLU C 117 -8.24 16.68 16.41
N THR C 118 -8.62 15.49 15.93
CA THR C 118 -8.91 14.38 16.82
C THR C 118 -7.66 13.96 17.62
N ALA C 119 -6.49 13.93 16.95
CA ALA C 119 -5.25 13.56 17.64
C ALA C 119 -4.95 14.51 18.82
N VAL C 120 -5.23 15.81 18.67
CA VAL C 120 -5.00 16.73 19.76
C VAL C 120 -6.04 16.58 20.87
N LEU C 121 -7.29 16.28 20.50
CA LEU C 121 -8.31 16.10 21.51
C LEU C 121 -7.96 14.84 22.28
N LEU C 122 -7.58 13.78 21.56
CA LEU C 122 -7.19 12.54 22.22
C LEU C 122 -6.00 12.79 23.18
N ALA C 123 -4.97 13.50 22.70
CA ALA C 123 -3.80 13.81 23.53
C ALA C 123 -4.20 14.49 24.88
N SER C 124 -5.17 15.42 24.82
CA SER C 124 -5.65 16.14 25.99
C SER C 124 -6.37 15.21 27.01
N TYR C 125 -7.15 14.23 26.52
CA TYR C 125 -7.79 13.25 27.39
C TYR C 125 -6.71 12.32 28.00
N ALA C 126 -5.72 11.91 27.20
CA ALA C 126 -4.60 11.09 27.68
C ALA C 126 -3.84 11.86 28.82
N VAL C 127 -3.70 13.19 28.68
CA VAL C 127 -3.06 14.06 29.67
C VAL C 127 -3.90 14.16 30.95
N GLN C 128 -5.22 14.32 30.80
CA GLN C 128 -6.09 14.37 31.98
C GLN C 128 -6.01 13.02 32.74
N SER C 129 -6.01 11.93 32.01
CA SER C 129 -5.88 10.62 32.57
C SER C 129 -4.52 10.40 33.31
N LYS C 130 -3.42 10.86 32.74
CA LYS C 130 -2.14 10.69 33.38
C LYS C 130 -1.96 11.61 34.57
N TYR C 131 -2.23 12.89 34.37
CA TYR C 131 -2.00 13.91 35.40
C TYR C 131 -3.16 14.31 36.32
N GLY C 132 -4.38 13.96 35.97
CA GLY C 132 -5.51 14.39 36.78
C GLY C 132 -5.68 15.86 36.46
N ASP C 133 -6.45 16.61 37.26
CA ASP C 133 -6.69 18.04 36.99
C ASP C 133 -5.46 18.90 36.84
N PHE C 134 -5.50 19.81 35.87
CA PHE C 134 -4.34 20.68 35.68
C PHE C 134 -4.24 21.47 36.99
N ASN C 135 -3.00 21.60 37.47
CA ASN C 135 -2.66 22.32 38.69
C ASN C 135 -1.49 23.29 38.38
N LYS C 136 -1.74 24.59 38.37
CA LYS C 136 -0.66 25.55 38.06
C LYS C 136 0.61 25.42 38.91
N GLU C 137 0.47 24.78 40.08
CA GLU C 137 1.57 24.57 41.05
C GLU C 137 2.52 23.43 40.78
N VAL C 138 1.94 22.39 40.22
CA VAL C 138 2.65 21.15 39.92
C VAL C 138 3.04 21.07 38.45
N HIS C 139 2.09 21.46 37.61
CA HIS C 139 2.25 21.39 36.18
C HIS C 139 2.79 22.66 35.61
N LYS C 140 4.09 22.88 35.83
CA LYS C 140 4.80 24.06 35.34
C LYS C 140 5.27 23.81 33.91
N SER C 141 5.74 24.88 33.29
CA SER C 141 6.28 24.85 31.95
C SER C 141 7.16 23.61 31.80
N GLY C 142 6.83 22.77 30.82
CA GLY C 142 7.60 21.57 30.55
C GLY C 142 7.03 20.29 31.17
N TYR C 143 5.91 20.32 31.88
CA TYR C 143 5.41 19.09 32.47
C TYR C 143 5.06 17.95 31.45
N LEU C 144 4.85 18.32 30.21
CA LEU C 144 4.52 17.38 29.14
C LEU C 144 5.71 17.08 28.22
N ALA C 145 6.89 17.53 28.60
CA ALA C 145 8.10 17.38 27.80
C ALA C 145 8.53 15.93 27.48
N GLY C 146 8.25 15.01 28.39
CA GLY C 146 8.63 13.61 28.21
C GLY C 146 7.50 12.72 27.71
N ASP C 147 6.36 13.31 27.36
CA ASP C 147 5.20 12.57 26.86
C ASP C 147 5.11 12.48 25.32
N LYS C 148 4.70 11.33 24.80
CA LYS C 148 4.49 11.20 23.36
C LYS C 148 2.99 11.56 23.22
N LEU C 149 2.73 12.81 22.86
CA LEU C 149 1.38 13.31 22.78
C LEU C 149 0.75 13.14 21.42
N LEU C 150 1.54 13.19 20.34
CA LEU C 150 1.00 13.13 18.98
C LEU C 150 1.78 12.29 18.02
N PRO C 151 1.10 11.79 16.94
CA PRO C 151 1.79 10.98 15.93
C PRO C 151 2.73 11.91 15.16
N GLN C 152 3.92 11.44 14.83
CA GLN C 152 4.91 12.23 14.11
C GLN C 152 4.30 13.01 12.93
N ARG C 153 3.40 12.39 12.18
CA ARG C 153 2.74 13.02 11.03
C ARG C 153 2.08 14.36 11.41
N VAL C 154 1.41 14.41 12.56
CA VAL C 154 0.75 15.64 13.01
C VAL C 154 1.84 16.74 13.31
N LEU C 155 2.91 16.34 14.01
CA LEU C 155 3.99 17.29 14.31
C LEU C 155 4.59 17.90 13.01
N GLU C 156 4.84 17.04 12.01
CA GLU C 156 5.41 17.44 10.72
C GLU C 156 4.53 18.31 9.83
N GLN C 157 3.24 18.31 10.11
CA GLN C 157 2.33 19.11 9.32
C GLN C 157 2.00 20.44 9.88
N HIS C 158 2.35 20.71 11.16
CA HIS C 158 2.05 21.99 11.77
C HIS C 158 3.33 22.70 12.09
N LYS C 159 3.32 24.00 11.82
CA LYS C 159 4.46 24.86 12.06
C LYS C 159 4.39 25.34 13.52
N LEU C 160 4.72 24.38 14.39
CA LEU C 160 4.73 24.53 15.85
C LEU C 160 5.88 23.76 16.44
N ASN C 161 6.52 24.32 17.48
CA ASN C 161 7.60 23.64 18.13
C ASN C 161 7.02 22.94 19.34
N LYS C 162 7.91 22.23 20.01
CA LYS C 162 7.57 21.46 21.17
C LYS C 162 6.84 22.33 22.20
N ASP C 163 7.38 23.49 22.48
CA ASP C 163 6.76 24.33 23.49
C ASP C 163 5.38 24.82 23.11
N GLN C 164 5.19 25.17 21.84
CA GLN C 164 3.90 25.67 21.35
C GLN C 164 2.88 24.51 21.47
N TRP C 165 3.31 23.30 21.10
CA TRP C 165 2.46 22.14 21.21
C TRP C 165 2.02 21.90 22.69
N GLU C 166 2.97 22.00 23.62
CA GLU C 166 2.67 21.81 25.05
C GLU C 166 1.70 22.85 25.58
N GLU C 167 1.84 24.08 25.11
CA GLU C 167 0.98 25.18 25.53
C GLU C 167 -0.44 24.99 25.04
N ARG C 168 -0.56 24.53 23.79
CA ARG C 168 -1.87 24.36 23.18
C ARG C 168 -2.59 23.23 23.86
N ILE C 169 -1.83 22.17 24.14
CA ILE C 169 -2.34 20.97 24.81
C ILE C 169 -2.71 21.24 26.27
N GLN C 170 -2.00 22.17 26.89
CA GLN C 170 -2.25 22.55 28.30
C GLN C 170 -3.58 23.26 28.37
N VAL C 171 -3.92 24.01 27.34
CA VAL C 171 -5.20 24.69 27.36
C VAL C 171 -6.32 23.66 27.39
N TRP C 172 -6.14 22.62 26.58
CA TRP C 172 -7.11 21.56 26.46
C TRP C 172 -7.16 20.70 27.70
N HIS C 173 -5.98 20.44 28.29
CA HIS C 173 -5.88 19.66 29.55
C HIS C 173 -6.79 20.36 30.56
N GLU C 174 -6.52 21.66 30.72
CA GLU C 174 -7.24 22.56 31.63
C GLU C 174 -8.75 22.51 31.40
N GLU C 175 -9.15 22.33 30.13
CA GLU C 175 -10.56 22.25 29.75
C GLU C 175 -11.38 21.09 30.35
N HIS C 176 -10.69 19.97 30.60
CA HIS C 176 -11.26 18.76 31.13
C HIS C 176 -11.30 18.78 32.62
N ARG C 177 -10.99 19.93 33.23
CA ARG C 177 -10.97 20.08 34.70
C ARG C 177 -12.21 19.44 35.34
N GLY C 178 -11.94 18.58 36.33
CA GLY C 178 -12.99 17.87 37.02
C GLY C 178 -13.34 16.47 36.53
N MSE C 179 -12.84 16.13 35.35
CA MSE C 179 -13.09 14.81 34.80
C MSE C 179 -12.21 13.75 35.46
O MSE C 179 -10.99 13.90 35.55
CB MSE C 179 -12.94 14.90 33.26
CG MSE C 179 -12.98 13.59 32.51
SE MSE C 179 -12.64 13.92 30.65
CE MSE C 179 -14.28 13.07 29.85
N LEU C 180 -12.80 12.69 36.01
CA LEU C 180 -11.98 11.66 36.62
C LEU C 180 -11.10 11.01 35.61
N ARG C 181 -10.00 10.42 36.07
CA ARG C 181 -9.01 9.77 35.23
C ARG C 181 -9.60 8.64 34.38
N GLU C 182 -10.49 7.85 34.98
CA GLU C 182 -11.20 6.72 34.35
C GLU C 182 -12.17 7.21 33.27
N ASP C 183 -12.74 8.40 33.48
CA ASP C 183 -13.65 8.95 32.49
C ASP C 183 -12.92 9.54 31.27
N ALA C 184 -11.67 9.97 31.49
CA ALA C 184 -10.83 10.51 30.43
C ALA C 184 -10.39 9.33 29.54
N VAL C 185 -10.08 8.22 30.18
CA VAL C 185 -9.70 6.99 29.49
C VAL C 185 -10.89 6.52 28.64
N LEU C 186 -12.08 6.47 29.21
CA LEU C 186 -13.25 6.03 28.47
C LEU C 186 -13.62 7.02 27.34
N GLU C 187 -13.55 8.31 27.60
CA GLU C 187 -13.86 9.31 26.56
C GLU C 187 -12.88 9.16 25.38
N TYR C 188 -11.61 8.90 25.70
CA TYR C 188 -10.56 8.68 24.70
C TYR C 188 -10.95 7.49 23.80
N LEU C 189 -11.30 6.34 24.42
CA LEU C 189 -11.70 5.12 23.72
C LEU C 189 -12.99 5.30 22.89
N LYS C 190 -13.95 6.12 23.39
CA LYS C 190 -15.20 6.36 22.67
C LYS C 190 -14.93 7.11 21.37
N ILE C 191 -13.95 8.01 21.39
CA ILE C 191 -13.62 8.76 20.19
C ILE C 191 -12.80 7.87 19.25
N ALA C 192 -11.79 7.20 19.83
CA ALA C 192 -10.92 6.34 19.06
C ALA C 192 -11.67 5.18 18.34
N GLN C 193 -12.69 4.59 18.95
CA GLN C 193 -13.34 3.48 18.29
C GLN C 193 -14.07 3.81 16.99
N ASP C 194 -14.26 5.10 16.71
CA ASP C 194 -14.93 5.56 15.48
C ASP C 194 -13.98 5.73 14.28
N LEU C 195 -12.69 5.71 14.56
CA LEU C 195 -11.69 5.82 13.52
C LEU C 195 -11.84 4.61 12.62
N GLU C 196 -11.72 4.87 11.33
CA GLU C 196 -11.83 3.86 10.29
C GLU C 196 -10.93 2.66 10.42
N MSE C 197 -9.68 2.87 10.82
CA MSE C 197 -8.71 1.78 10.96
C MSE C 197 -8.72 1.16 12.34
O MSE C 197 -8.10 0.12 12.55
CB MSE C 197 -7.34 2.31 10.60
CG MSE C 197 -7.31 2.96 9.22
SE MSE C 197 -5.51 3.41 8.64
CE MSE C 197 -4.71 1.65 8.71
N TYR C 198 -9.46 1.74 13.27
CA TYR C 198 -9.52 1.18 14.62
C TYR C 198 -10.01 -0.28 14.64
N GLY C 199 -9.33 -1.13 15.39
CA GLY C 199 -9.74 -2.52 15.54
C GLY C 199 -9.70 -3.40 14.31
N VAL C 200 -9.13 -2.91 13.21
CA VAL C 200 -9.04 -3.72 12.00
C VAL C 200 -7.70 -4.44 11.84
N ASN C 201 -7.76 -5.75 11.57
CA ASN C 201 -6.57 -6.60 11.27
C ASN C 201 -6.53 -6.59 9.73
N TYR C 202 -5.44 -6.08 9.18
CA TYR C 202 -5.27 -5.94 7.74
C TYR C 202 -4.32 -6.98 7.23
N PHE C 203 -4.69 -7.61 6.11
CA PHE C 203 -3.89 -8.63 5.47
C PHE C 203 -3.76 -8.39 3.98
N SER C 204 -2.53 -8.49 3.49
CA SER C 204 -2.30 -8.34 2.08
C SER C 204 -2.79 -9.63 1.35
N ILE C 205 -3.71 -9.41 0.40
CA ILE C 205 -4.32 -10.47 -0.38
C ILE C 205 -4.47 -10.16 -1.91
N LYS C 206 -4.65 -11.19 -2.72
CA LYS C 206 -4.84 -11.01 -4.16
C LYS C 206 -6.11 -11.70 -4.59
N ASN C 207 -6.78 -11.14 -5.61
CA ASN C 207 -7.95 -11.78 -6.20
C ASN C 207 -7.47 -12.75 -7.34
N LYS C 208 -8.39 -13.44 -8.01
CA LYS C 208 -8.01 -14.36 -9.11
C LYS C 208 -7.02 -13.74 -10.12
N LYS C 209 -7.27 -12.52 -10.57
CA LYS C 209 -6.40 -11.86 -11.54
C LYS C 209 -5.09 -11.28 -11.01
N GLY C 210 -4.79 -11.54 -9.74
CA GLY C 210 -3.56 -11.05 -9.15
C GLY C 210 -3.55 -9.63 -8.63
N SER C 211 -4.70 -8.96 -8.56
CA SER C 211 -4.71 -7.59 -8.02
C SER C 211 -4.35 -7.64 -6.55
N GLU C 212 -3.54 -6.66 -6.14
CA GLU C 212 -3.08 -6.50 -4.77
C GLU C 212 -4.14 -5.70 -3.99
N LEU C 213 -4.66 -6.28 -2.91
CA LEU C 213 -5.72 -5.64 -2.13
C LEU C 213 -5.51 -5.90 -0.64
N TRP C 214 -6.39 -5.36 0.22
CA TRP C 214 -6.30 -5.61 1.66
C TRP C 214 -7.54 -6.27 2.19
N LEU C 215 -7.38 -7.32 2.97
CA LEU C 215 -8.53 -7.87 3.63
C LEU C 215 -8.44 -7.29 5.04
N GLY C 216 -9.57 -6.81 5.55
CA GLY C 216 -9.65 -6.34 6.92
C GLY C 216 -10.60 -7.26 7.72
N VAL C 217 -10.10 -7.83 8.82
CA VAL C 217 -10.88 -8.66 9.74
C VAL C 217 -11.04 -7.88 11.08
N ASP C 218 -12.28 -7.61 11.44
CA ASP C 218 -12.53 -6.94 12.69
C ASP C 218 -13.71 -7.53 13.43
N ALA C 219 -14.15 -6.83 14.49
CA ALA C 219 -15.27 -7.32 15.31
C ALA C 219 -16.58 -7.45 14.56
N LEU C 220 -16.75 -6.67 13.49
CA LEU C 220 -18.02 -6.66 12.75
C LEU C 220 -18.12 -7.38 11.43
N GLY C 221 -17.05 -8.00 10.97
CA GLY C 221 -17.11 -8.70 9.70
C GLY C 221 -15.82 -8.66 8.91
N LEU C 222 -15.94 -8.82 7.59
CA LEU C 222 -14.80 -8.87 6.67
C LEU C 222 -14.95 -7.72 5.68
N ASN C 223 -13.86 -7.03 5.39
CA ASN C 223 -13.91 -5.90 4.48
C ASN C 223 -12.79 -6.00 3.50
N ILE C 224 -13.04 -5.52 2.28
CA ILE C 224 -12.03 -5.52 1.26
C ILE C 224 -11.66 -4.05 0.96
N TYR C 225 -10.35 -3.75 0.96
CA TYR C 225 -9.87 -2.39 0.67
C TYR C 225 -8.98 -2.39 -0.60
N GLU C 226 -9.01 -1.23 -1.22
CA GLU C 226 -8.20 -0.89 -2.36
C GLU C 226 -6.78 -0.84 -1.71
N GLN C 227 -5.73 -1.15 -2.49
CA GLN C 227 -4.35 -1.17 -1.97
C GLN C 227 -3.87 0.11 -1.28
N ASN C 228 -4.28 1.26 -1.85
CA ASN C 228 -3.90 2.58 -1.38
C ASN C 228 -4.79 3.24 -0.36
N ASP C 229 -5.98 2.69 -0.17
CA ASP C 229 -6.91 3.31 0.78
C ASP C 229 -7.35 2.31 1.90
N ARG C 230 -6.71 2.36 3.07
CA ARG C 230 -7.12 1.48 4.18
C ARG C 230 -8.15 2.14 5.13
N LEU C 231 -8.63 3.34 4.82
CA LEU C 231 -9.64 4.00 5.63
C LEU C 231 -11.06 3.58 5.20
N THR C 232 -11.28 3.53 3.90
CA THR C 232 -12.62 3.29 3.35
C THR C 232 -12.65 2.03 2.53
N PRO C 233 -13.23 1.01 3.11
CA PRO C 233 -13.36 -0.28 2.47
C PRO C 233 -14.34 -0.13 1.30
N LYS C 234 -14.13 -0.93 0.25
CA LYS C 234 -14.99 -0.90 -0.92
C LYS C 234 -16.10 -1.98 -0.88
N ILE C 235 -15.81 -3.12 -0.26
CA ILE C 235 -16.77 -4.26 -0.20
C ILE C 235 -16.76 -4.81 1.18
N GLY C 236 -17.92 -5.30 1.63
CA GLY C 236 -17.98 -5.87 2.96
C GLY C 236 -18.95 -7.01 3.09
N PHE C 237 -18.62 -7.93 3.99
CA PHE C 237 -19.44 -9.11 4.27
C PHE C 237 -19.73 -9.14 5.76
N PRO C 238 -21.01 -9.10 6.13
CA PRO C 238 -21.27 -9.16 7.57
C PRO C 238 -21.09 -10.64 7.98
N TRP C 239 -20.89 -10.92 9.28
CA TRP C 239 -20.69 -12.31 9.77
C TRP C 239 -21.83 -13.27 9.42
N SER C 240 -23.07 -12.80 9.58
CA SER C 240 -24.23 -13.63 9.30
C SER C 240 -24.36 -14.08 7.86
N GLU C 241 -23.43 -13.69 6.98
CA GLU C 241 -23.48 -14.12 5.56
C GLU C 241 -22.46 -15.19 5.28
N ILE C 242 -21.63 -15.48 6.28
CA ILE C 242 -20.58 -16.48 6.16
C ILE C 242 -21.01 -17.71 6.93
N ARG C 243 -20.92 -18.86 6.26
CA ARG C 243 -21.22 -20.14 6.89
C ARG C 243 -19.96 -20.97 7.17
N ASN C 244 -18.93 -20.82 6.36
CA ASN C 244 -17.71 -21.59 6.53
C ASN C 244 -16.56 -20.82 5.92
N ILE C 245 -15.39 -21.03 6.49
CA ILE C 245 -14.13 -20.43 6.05
C ILE C 245 -13.13 -21.54 6.14
N SER C 246 -12.19 -21.55 5.22
CA SER C 246 -11.16 -22.58 5.18
C SER C 246 -10.07 -22.20 4.20
N PHE C 247 -8.92 -22.88 4.28
CA PHE C 247 -7.80 -22.59 3.39
C PHE C 247 -7.00 -23.81 2.97
N ASN C 248 -6.54 -23.75 1.73
CA ASN C 248 -5.69 -24.79 1.21
C ASN C 248 -4.41 -24.11 0.74
N ASP C 249 -3.41 -24.15 1.62
CA ASP C 249 -2.14 -23.49 1.36
C ASP C 249 -2.35 -21.95 1.32
N LYS C 250 -2.15 -21.33 0.14
CA LYS C 250 -2.30 -19.88 -0.06
C LYS C 250 -3.74 -19.51 -0.32
N LYS C 251 -4.50 -20.45 -0.86
CA LYS C 251 -5.89 -20.21 -1.17
C LYS C 251 -6.78 -20.24 0.08
N PHE C 252 -7.67 -19.25 0.16
CA PHE C 252 -8.60 -19.12 1.25
C PHE C 252 -9.96 -19.08 0.60
N VAL C 253 -10.91 -19.83 1.16
CA VAL C 253 -12.27 -19.90 0.61
C VAL C 253 -13.33 -19.54 1.67
N ILE C 254 -14.24 -18.67 1.30
CA ILE C 254 -15.28 -18.28 2.22
C ILE C 254 -16.61 -18.65 1.61
N LYS C 255 -17.28 -19.62 2.22
CA LYS C 255 -18.55 -20.10 1.73
C LYS C 255 -19.75 -19.33 2.31
N PRO C 256 -20.57 -18.73 1.42
CA PRO C 256 -21.76 -17.95 1.83
C PRO C 256 -22.95 -18.79 2.27
N ILE C 257 -23.83 -18.22 3.09
CA ILE C 257 -25.02 -18.91 3.60
C ILE C 257 -26.24 -18.93 2.65
N ASP C 258 -26.27 -19.94 1.79
CA ASP C 258 -27.32 -20.19 0.80
C ASP C 258 -26.81 -21.34 -0.13
N LYS C 259 -26.57 -21.02 -1.39
CA LYS C 259 -26.02 -21.96 -2.35
C LYS C 259 -25.84 -21.21 -3.68
N LYS C 260 -26.71 -20.24 -3.93
CA LYS C 260 -26.66 -19.53 -5.19
C LYS C 260 -25.50 -18.55 -5.34
N ALA C 261 -24.87 -18.14 -4.24
CA ALA C 261 -23.74 -17.23 -4.36
C ALA C 261 -22.46 -18.05 -4.33
N PRO C 262 -21.53 -17.75 -5.25
CA PRO C 262 -20.25 -18.44 -5.38
C PRO C 262 -19.36 -18.24 -4.12
N ASP C 263 -18.26 -18.99 -4.06
CA ASP C 263 -17.36 -18.86 -2.95
C ASP C 263 -16.55 -17.57 -3.09
N PHE C 264 -16.30 -16.94 -1.94
CA PHE C 264 -15.50 -15.75 -1.98
C PHE C 264 -14.09 -16.30 -1.78
N VAL C 265 -13.25 -16.18 -2.79
CA VAL C 265 -11.90 -16.73 -2.68
C VAL C 265 -10.80 -15.72 -2.92
N PHE C 266 -9.74 -15.83 -2.14
CA PHE C 266 -8.63 -14.91 -2.24
C PHE C 266 -7.40 -15.68 -1.88
N TYR C 267 -6.26 -15.11 -2.23
CA TYR C 267 -4.94 -15.72 -2.04
C TYR C 267 -4.02 -14.90 -1.17
N ALA C 268 -3.50 -15.53 -0.11
CA ALA C 268 -2.55 -14.93 0.84
C ALA C 268 -1.13 -15.28 0.38
N PRO C 269 -0.16 -14.39 0.62
CA PRO C 269 1.22 -14.63 0.21
C PRO C 269 1.94 -15.75 0.98
N ARG C 270 1.41 -16.11 2.16
CA ARG C 270 1.96 -17.13 3.06
C ARG C 270 0.85 -17.96 3.74
N LEU C 271 1.14 -19.21 4.10
CA LEU C 271 0.14 -20.04 4.77
C LEU C 271 -0.04 -19.54 6.21
N ARG C 272 1.03 -18.96 6.74
CA ARG C 272 1.05 -18.41 8.10
C ARG C 272 -0.07 -17.36 8.27
N ILE C 273 -0.20 -16.51 7.24
CA ILE C 273 -1.18 -15.42 7.13
C ILE C 273 -2.62 -16.00 7.19
N ASN C 274 -2.88 -17.02 6.35
CA ASN C 274 -4.18 -17.70 6.31
C ASN C 274 -4.52 -18.35 7.65
N LYS C 275 -3.53 -18.88 8.35
CA LYS C 275 -3.82 -19.45 9.65
C LYS C 275 -4.27 -18.37 10.63
N ARG C 276 -3.67 -17.17 10.50
CA ARG C 276 -3.98 -16.00 11.35
C ARG C 276 -5.37 -15.48 11.00
N ILE C 277 -5.66 -15.41 9.71
CA ILE C 277 -6.96 -14.97 9.24
C ILE C 277 -8.05 -15.90 9.80
N LEU C 278 -7.82 -17.21 9.74
CA LEU C 278 -8.81 -18.17 10.23
C LEU C 278 -9.06 -18.00 11.73
N ALA C 279 -7.97 -17.93 12.48
CA ALA C 279 -8.05 -17.76 13.92
C ALA C 279 -8.85 -16.48 14.24
N LEU C 280 -8.53 -15.39 13.54
CA LEU C 280 -9.20 -14.10 13.75
C LEU C 280 -10.67 -14.10 13.38
N CYS C 281 -11.02 -14.71 12.24
CA CYS C 281 -12.44 -14.79 11.83
C CYS C 281 -13.28 -15.55 12.86
N MSE C 282 -12.77 -16.72 13.26
CA MSE C 282 -13.42 -17.57 14.25
C MSE C 282 -13.69 -16.83 15.56
O MSE C 282 -14.80 -16.83 16.09
CB MSE C 282 -12.58 -18.81 14.53
CG MSE C 282 -12.60 -19.86 13.41
SE MSE C 282 -11.43 -21.34 13.81
CE MSE C 282 -12.18 -21.74 15.45
N GLY C 283 -12.64 -16.19 16.09
CA GLY C 283 -12.80 -15.45 17.33
C GLY C 283 -13.77 -14.29 17.29
N ASN C 284 -13.65 -13.46 16.27
CA ASN C 284 -14.55 -12.33 16.10
C ASN C 284 -15.94 -12.81 15.83
N HIS C 285 -16.09 -13.82 14.99
CA HIS C 285 -17.44 -14.34 14.73
C HIS C 285 -18.17 -14.82 16.03
N GLU C 286 -17.47 -15.62 16.82
CA GLU C 286 -17.96 -16.16 18.08
C GLU C 286 -18.35 -15.05 19.09
N LEU C 287 -17.49 -14.05 19.26
CA LEU C 287 -17.84 -13.01 20.19
C LEU C 287 -19.01 -12.16 19.65
N TYR C 288 -19.07 -12.02 18.34
CA TYR C 288 -20.12 -11.21 17.70
C TYR C 288 -21.49 -11.82 18.02
N MSE C 289 -21.56 -13.14 17.81
CA MSE C 289 -22.76 -13.91 18.05
C MSE C 289 -23.12 -13.90 19.53
O MSE C 289 -24.22 -13.47 19.88
CB MSE C 289 -22.58 -15.34 17.49
CG MSE C 289 -22.49 -15.40 15.94
SE MSE C 289 -23.93 -14.47 15.03
CE MSE C 289 -23.07 -14.03 13.39
N ARG C 290 -22.12 -14.20 20.36
CA ARG C 290 -22.24 -14.24 21.83
C ARG C 290 -22.87 -12.93 22.40
N ARG C 291 -22.55 -11.76 21.82
CA ARG C 291 -23.09 -10.48 22.31
C ARG C 291 -24.59 -10.36 22.05
N ARG C 292 -25.01 -10.97 20.94
CA ARG C 292 -26.40 -10.89 20.48
C ARG C 292 -27.39 -11.91 21.05
N LYS C 293 -26.90 -13.14 21.13
CA LYS C 293 -27.63 -14.31 21.59
C LYS C 293 -26.65 -15.09 22.47
N PRO C 294 -26.60 -14.70 23.75
CA PRO C 294 -25.70 -15.37 24.71
C PRO C 294 -26.16 -16.83 25.02
N ALA D 1 -53.91 3.67 47.03
CA ALA D 1 -53.54 4.00 45.61
C ALA D 1 -53.53 2.73 44.73
N GLU D 2 -53.28 2.94 43.42
CA GLU D 2 -53.25 1.86 42.41
C GLU D 2 -52.09 1.98 41.43
N ALA D 3 -51.61 0.83 40.96
CA ALA D 3 -50.56 0.78 39.95
C ALA D 3 -50.61 -0.55 39.16
N SER D 4 -50.25 -0.49 37.90
CA SER D 4 -50.22 -1.69 37.09
C SER D 4 -48.90 -1.71 36.33
N ALA D 5 -48.56 -2.86 35.76
CA ALA D 5 -47.32 -2.96 35.03
C ALA D 5 -47.28 -4.24 34.21
N ASP D 6 -47.18 -4.09 32.90
CA ASP D 6 -47.07 -5.24 32.00
C ASP D 6 -45.66 -5.82 32.14
N LEU D 7 -45.55 -7.12 31.90
CA LEU D 7 -44.26 -7.77 32.02
C LEU D 7 -43.89 -8.53 30.72
N ARG D 8 -42.86 -8.04 30.05
CA ARG D 8 -42.37 -8.64 28.83
C ARG D 8 -40.89 -8.29 28.54
N ALA D 9 -40.17 -9.27 27.99
CA ALA D 9 -38.74 -9.15 27.62
C ALA D 9 -38.61 -8.30 26.36
N ASP D 10 -37.92 -7.16 26.45
CA ASP D 10 -37.76 -6.30 25.25
C ASP D 10 -36.36 -6.33 24.57
N ALA D 11 -35.99 -7.51 24.08
CA ALA D 11 -34.71 -7.74 23.38
C ALA D 11 -34.23 -6.54 22.54
N MET D 12 -33.21 -5.85 23.05
CA MET D 12 -32.67 -4.66 22.40
C MET D 12 -31.57 -4.86 21.32
N ALA D 13 -30.71 -5.86 21.50
CA ALA D 13 -29.63 -6.16 20.53
C ALA D 13 -30.20 -6.65 19.16
N LYS D 14 -29.36 -6.67 18.12
CA LYS D 14 -29.81 -7.11 16.78
C LYS D 14 -28.66 -7.39 15.80
N ASP D 15 -28.84 -8.41 14.95
CA ASP D 15 -27.83 -8.74 13.94
C ASP D 15 -27.56 -7.50 13.04
N ARG D 16 -26.32 -7.29 12.66
CA ARG D 16 -26.00 -6.17 11.78
C ARG D 16 -26.34 -4.79 12.30
N SER D 17 -26.65 -4.67 13.60
CA SER D 17 -26.98 -3.37 14.22
C SER D 17 -25.87 -2.27 14.00
N GLU D 18 -24.63 -2.72 13.85
CA GLU D 18 -23.50 -1.81 13.64
C GLU D 18 -23.72 -0.90 12.44
N GLU D 19 -24.58 -1.31 11.52
CA GLU D 19 -24.84 -0.50 10.35
C GLU D 19 -25.64 0.78 10.66
N GLU D 20 -26.29 0.82 11.83
CA GLU D 20 -27.12 1.97 12.23
C GLU D 20 -26.45 2.84 13.29
N ARG D 21 -25.26 2.44 13.70
CA ARG D 21 -24.53 3.19 14.74
C ARG D 21 -24.12 4.55 14.22
N THR D 22 -23.93 5.47 15.15
CA THR D 22 -23.45 6.81 14.86
C THR D 22 -22.14 6.95 15.65
N THR D 23 -21.43 8.02 15.36
CA THR D 23 -20.18 8.28 16.02
C THR D 23 -20.40 9.03 17.33
N GLU D 24 -19.39 8.99 18.18
CA GLU D 24 -19.42 9.72 19.43
C GLU D 24 -19.59 11.24 19.17
N ALA D 25 -18.86 11.77 18.18
CA ALA D 25 -18.92 13.20 17.87
C ALA D 25 -20.33 13.62 17.47
N GLU D 26 -21.05 12.71 16.83
CA GLU D 26 -22.43 12.95 16.41
C GLU D 26 -23.38 12.83 17.62
N LYS D 27 -23.07 11.99 18.60
CA LYS D 27 -23.96 11.87 19.75
C LYS D 27 -23.49 12.66 20.97
N ASN D 28 -22.30 13.25 20.88
CA ASN D 28 -21.75 14.00 22.02
C ASN D 28 -21.43 15.43 21.61
N GLU D 29 -22.36 16.33 21.96
CA GLU D 29 -22.24 17.74 21.61
C GLU D 29 -20.98 18.40 22.09
N ARG D 30 -20.47 18.05 23.28
CA ARG D 30 -19.23 18.64 23.83
C ARG D 30 -18.03 18.21 22.97
N VAL D 31 -17.99 16.94 22.59
CA VAL D 31 -16.88 16.45 21.74
C VAL D 31 -16.93 17.13 20.36
N GLN D 32 -18.15 17.34 19.86
CA GLN D 32 -18.38 18.01 18.58
C GLN D 32 -17.94 19.47 18.66
N LYS D 33 -18.31 20.17 19.75
CA LYS D 33 -17.88 21.56 19.92
C LYS D 33 -16.34 21.62 20.02
N HIS D 34 -15.74 20.70 20.76
CA HIS D 34 -14.29 20.65 20.95
C HIS D 34 -13.55 20.48 19.63
N LEU D 35 -13.97 19.50 18.83
CA LEU D 35 -13.38 19.27 17.54
C LEU D 35 -13.52 20.45 16.57
N LYS D 36 -14.64 21.19 16.67
CA LYS D 36 -14.88 22.39 15.83
C LYS D 36 -13.87 23.46 16.16
N ALA D 37 -13.68 23.67 17.48
CA ALA D 37 -12.74 24.63 18.03
C ALA D 37 -11.33 24.29 17.59
N LEU D 38 -10.94 23.01 17.73
CA LEU D 38 -9.60 22.54 17.36
C LEU D 38 -9.35 22.73 15.88
N THR D 39 -10.38 22.59 15.08
CA THR D 39 -10.20 22.82 13.63
C THR D 39 -9.75 24.27 13.34
N SER D 40 -10.36 25.25 14.03
CA SER D 40 -10.04 26.70 13.94
C SER D 40 -8.63 26.99 14.43
N GLU D 41 -8.35 26.54 15.66
CA GLU D 41 -7.04 26.74 16.30
C GLU D 41 -5.84 26.23 15.53
N LEU D 42 -6.05 25.12 14.82
CA LEU D 42 -4.98 24.54 14.02
C LEU D 42 -4.92 25.02 12.54
N ALA D 43 -5.96 25.73 12.06
CA ALA D 43 -6.04 26.16 10.66
C ALA D 43 -4.85 26.97 10.20
N ASN D 44 -4.39 27.85 11.07
CA ASN D 44 -3.25 28.71 10.85
C ASN D 44 -1.90 28.02 10.93
N ALA D 45 -1.76 27.09 11.85
CA ALA D 45 -0.49 26.39 12.05
C ALA D 45 -0.22 25.32 10.97
N ARG D 46 -1.27 24.89 10.30
CA ARG D 46 -1.11 23.84 9.31
C ARG D 46 -0.38 24.20 8.04
N ASP D 47 0.60 23.38 7.71
CA ASP D 47 1.38 23.53 6.50
C ASP D 47 0.59 22.71 5.42
N GLU D 48 -0.17 23.39 4.59
CA GLU D 48 -0.98 22.72 3.58
C GLU D 48 -0.20 22.02 2.46
N SER D 49 1.14 22.08 2.48
CA SER D 49 1.92 21.40 1.45
C SER D 49 2.50 20.08 1.97
N LYS D 50 2.08 19.72 3.19
CA LYS D 50 2.50 18.48 3.83
C LYS D 50 1.22 17.71 4.12
N LYS D 51 0.70 17.09 3.08
CA LYS D 51 -0.54 16.32 3.22
C LYS D 51 -0.09 14.90 2.89
N THR D 52 -0.46 13.92 3.71
CA THR D 52 -0.16 12.55 3.38
C THR D 52 -1.37 12.02 2.58
N ALA D 53 -1.20 10.86 1.94
CA ALA D 53 -2.29 10.23 1.18
C ALA D 53 -3.50 10.00 2.08
N ASN D 54 -3.29 9.50 3.31
CA ASN D 54 -4.41 9.30 4.25
C ASN D 54 -5.06 10.60 4.58
N ASP D 55 -4.28 11.68 4.78
CA ASP D 55 -4.90 13.01 5.01
C ASP D 55 -5.87 13.37 3.86
N MSE D 56 -5.45 13.15 2.62
CA MSE D 56 -6.33 13.49 1.51
C MSE D 56 -7.56 12.56 1.36
O MSE D 56 -8.64 13.01 0.94
CB MSE D 56 -5.52 13.49 0.22
CG MSE D 56 -4.46 14.59 0.25
SE MSE D 56 -3.47 14.74 -1.42
CE MSE D 56 -2.30 13.36 -1.20
N ILE D 57 -7.38 11.29 1.67
CA ILE D 57 -8.49 10.34 1.64
C ILE D 57 -9.48 10.77 2.71
N HIS D 58 -8.97 11.05 3.91
CA HIS D 58 -9.81 11.46 5.02
C HIS D 58 -10.60 12.74 4.74
N ALA D 59 -9.94 13.77 4.19
CA ALA D 59 -10.62 15.07 3.92
C ALA D 59 -11.74 14.86 2.87
N GLU D 60 -11.45 14.03 1.88
CA GLU D 60 -12.40 13.73 0.84
C GLU D 60 -13.60 12.94 1.41
N ASN D 61 -13.31 12.04 2.35
CA ASN D 61 -14.35 11.26 3.04
C ASN D 61 -15.25 12.23 3.82
N MSE D 62 -14.68 13.26 4.47
CA MSE D 62 -15.47 14.25 5.23
C MSE D 62 -16.21 15.10 4.27
O MSE D 62 -17.33 15.45 4.53
CB MSE D 62 -14.62 15.17 6.07
CG MSE D 62 -13.79 14.38 7.07
SE MSE D 62 -14.86 13.37 8.39
CE MSE D 62 -14.66 14.73 9.83
N ARG D 63 -15.58 15.49 3.17
CA ARG D 63 -16.30 16.33 2.21
C ARG D 63 -17.56 15.62 1.68
N LEU D 64 -17.47 14.31 1.49
CA LEU D 64 -18.61 13.55 0.99
C LEU D 64 -19.59 13.04 2.06
N GLY D 65 -19.32 13.35 3.33
CA GLY D 65 -20.22 12.97 4.42
C GLY D 65 -20.20 11.52 4.85
N ARG D 66 -19.02 10.90 4.77
CA ARG D 66 -18.80 9.52 5.16
C ARG D 66 -18.34 9.32 6.56
N ASP D 67 -18.77 8.19 7.14
CA ASP D 67 -18.33 7.78 8.45
C ASP D 67 -18.21 6.24 8.40
N LYS D 68 -17.51 5.68 9.39
CA LYS D 68 -17.28 4.27 9.48
C LYS D 68 -18.56 3.41 9.30
N TYR D 69 -19.61 3.75 10.03
CA TYR D 69 -20.83 2.94 10.03
C TYR D 69 -21.66 3.10 8.77
N LYS D 70 -21.75 4.31 8.26
CA LYS D 70 -22.50 4.59 7.02
C LYS D 70 -21.78 3.85 5.88
N THR D 71 -20.45 3.83 5.84
CA THR D 71 -19.70 3.10 4.79
C THR D 71 -19.89 1.59 4.86
N LEU D 72 -19.87 1.04 6.08
CA LEU D 72 -20.09 -0.39 6.34
C LEU D 72 -21.47 -0.80 5.76
N ARG D 73 -22.47 0.05 6.03
CA ARG D 73 -23.84 -0.13 5.56
C ARG D 73 -23.85 -0.14 4.05
N GLN D 74 -23.23 0.85 3.46
CA GLN D 74 -23.14 0.99 2.00
C GLN D 74 -22.38 -0.12 1.25
N ILE D 75 -21.23 -0.55 1.77
CA ILE D 75 -20.45 -1.58 1.11
C ILE D 75 -20.97 -3.00 1.24
N ARG D 76 -21.98 -3.20 2.08
CA ARG D 76 -22.58 -4.51 2.25
C ARG D 76 -23.86 -4.60 1.40
N GLN D 77 -24.19 -3.54 0.67
CA GLN D 77 -25.35 -3.60 -0.20
C GLN D 77 -25.12 -4.50 -1.40
N GLY D 78 -26.21 -4.99 -1.98
CA GLY D 78 -26.05 -5.90 -3.09
C GLY D 78 -26.02 -7.28 -2.52
N ASN D 79 -26.06 -8.27 -3.39
CA ASN D 79 -26.08 -9.64 -2.91
C ASN D 79 -24.64 -10.12 -2.94
N THR D 80 -24.41 -11.31 -2.36
CA THR D 80 -23.11 -11.91 -2.26
C THR D 80 -22.37 -12.07 -3.58
N LYS D 81 -23.11 -12.43 -4.64
CA LYS D 81 -22.49 -12.63 -5.95
C LYS D 81 -22.03 -11.31 -6.53
N GLN D 82 -22.83 -10.26 -6.38
CA GLN D 82 -22.46 -8.96 -6.93
C GLN D 82 -21.18 -8.45 -6.30
N ARG D 83 -21.09 -8.61 -4.96
CA ARG D 83 -19.91 -8.16 -4.22
C ARG D 83 -18.70 -9.01 -4.52
N ILE D 84 -18.91 -10.30 -4.79
CA ILE D 84 -17.76 -11.15 -5.11
C ILE D 84 -17.28 -10.75 -6.53
N ASP D 85 -18.20 -10.36 -7.40
CA ASP D 85 -17.80 -9.98 -8.73
C ASP D 85 -17.04 -8.67 -8.69
N GLU D 86 -17.50 -7.73 -7.87
CA GLU D 86 -16.78 -6.48 -7.77
C GLU D 86 -15.36 -6.74 -7.27
N PHE D 87 -15.23 -7.67 -6.32
CA PHE D 87 -13.95 -8.03 -5.77
C PHE D 87 -13.01 -8.56 -6.85
N GLU D 88 -13.52 -9.45 -7.71
CA GLU D 88 -12.70 -9.99 -8.81
C GLU D 88 -12.35 -8.91 -9.81
N SER D 89 -13.22 -7.92 -9.96
CA SER D 89 -12.94 -6.84 -10.91
C SER D 89 -12.00 -5.78 -10.36
N MSE D 90 -11.65 -5.86 -9.07
CA MSE D 90 -10.73 -4.87 -8.48
C MSE D 90 -9.27 -5.06 -8.88
O MSE D 90 -8.45 -4.15 -8.54
OXT MSE D 90 -8.93 -6.09 -9.48
CB MSE D 90 -10.87 -4.90 -6.94
CG MSE D 90 -12.00 -4.00 -6.43
SE MSE D 90 -12.36 -4.23 -4.60
CE MSE D 90 -11.18 -2.77 -3.88
S SO4 E . 14.53 -1.60 -38.05
O1 SO4 E . 14.45 -0.25 -37.65
O2 SO4 E . 14.65 -1.63 -39.44
O3 SO4 E . 15.70 -2.12 -37.45
O4 SO4 E . 13.42 -2.26 -37.53
S SO4 F . -11.91 -3.19 38.70
O1 SO4 F . -12.97 -2.57 37.99
O2 SO4 F . -11.88 -2.48 39.91
O3 SO4 F . -12.18 -4.55 39.12
O4 SO4 F . -10.81 -3.15 37.80
#